data_5UDF
#
_entry.id   5UDF
#
_cell.length_a   156.370
_cell.length_b   156.370
_cell.length_c   91.160
_cell.angle_alpha   90.000
_cell.angle_beta   90.000
_cell.angle_gamma   120.000
#
_symmetry.space_group_name_H-M   'H 3'
#
loop_
_entity.id
_entity.type
_entity.pdbx_description
1 polymer 'Lipoprotein-releasing system transmembrane protein LolE'
2 water water
#
_entity_poly.entity_id   1
_entity_poly.type   'polypeptide(L)'
_entity_poly.pdbx_seq_one_letter_code
;MAHHHHHHMNGFDRELKNRVLGMVPQATVSSTQILTDWPELVKRVENHPHVTGVAPFTQLQGMLTAQGQVAGIMVTGIDP
KYEKNVSIIQNHIVAGSLDSLKKGEFGIVLGKDMADSLGLRLNDSVTLVLPEATPSPAGVVPRFKRFKVVGIFSVGAEVD
SMVGYIALYDASTLLRLPDGAQGVRLKLDDIFAAPQVADDIVKNLPSNFYATNWTYTHGNLFNAIQMEKT
;
_entity_poly.pdbx_strand_id   A,B,C,D
#
# COMPACT_ATOMS: atom_id res chain seq x y z
N ASP A 13 37.13 4.58 12.35
CA ASP A 13 37.25 3.94 11.05
C ASP A 13 36.89 4.95 9.94
N ARG A 14 37.90 5.49 9.25
CA ARG A 14 37.63 6.49 8.21
C ARG A 14 37.03 5.88 6.96
N GLU A 15 37.41 4.65 6.61
CA GLU A 15 36.83 4.00 5.43
C GLU A 15 35.37 3.63 5.66
N LEU A 16 35.05 3.17 6.87
CA LEU A 16 33.66 2.83 7.20
C LEU A 16 32.73 4.01 6.98
N LYS A 17 33.14 5.20 7.41
CA LYS A 17 32.32 6.39 7.22
C LYS A 17 32.06 6.65 5.74
N ASN A 18 33.10 6.52 4.91
CA ASN A 18 32.94 6.74 3.48
C ASN A 18 32.13 5.62 2.83
N ARG A 19 32.22 4.40 3.36
CA ARG A 19 31.40 3.30 2.84
C ARG A 19 29.92 3.51 3.18
N VAL A 20 29.63 3.86 4.42
CA VAL A 20 28.24 4.09 4.82
C VAL A 20 27.71 5.36 4.16
N LEU A 21 28.41 6.48 4.31
CA LEU A 21 27.93 7.76 3.80
C LEU A 21 27.88 7.77 2.29
N GLY A 22 28.79 7.04 1.63
CA GLY A 22 28.76 6.99 0.18
C GLY A 22 27.55 6.30 -0.41
N MET A 23 26.88 5.45 0.37
CA MET A 23 25.73 4.70 -0.13
C MET A 23 24.40 5.32 0.24
N VAL A 24 24.39 6.35 1.07
CA VAL A 24 23.14 6.96 1.52
C VAL A 24 22.76 8.09 0.56
N PRO A 25 21.55 8.08 -0.01
CA PRO A 25 21.10 9.27 -0.75
C PRO A 25 20.84 10.44 0.19
N GLN A 26 21.73 11.42 0.14
CA GLN A 26 21.67 12.50 1.11
C GLN A 26 20.44 13.36 0.89
N ALA A 27 20.14 13.64 -0.37
CA ALA A 27 18.92 14.35 -0.73
C ALA A 27 18.62 14.05 -2.19
N THR A 28 17.35 14.14 -2.55
CA THR A 28 16.94 14.09 -3.94
C THR A 28 15.99 15.23 -4.22
N VAL A 29 16.00 15.65 -5.48
CA VAL A 29 14.94 16.48 -6.04
C VAL A 29 14.26 15.61 -7.07
N SER A 30 13.06 15.13 -6.75
CA SER A 30 12.35 14.15 -7.55
C SER A 30 11.09 14.75 -8.16
N SER A 31 10.53 14.00 -9.10
CA SER A 31 9.35 14.45 -9.83
C SER A 31 8.36 13.30 -9.98
N THR A 32 7.06 13.66 -9.94
CA THR A 32 5.99 12.72 -10.19
C THR A 32 5.82 12.41 -11.66
N GLN A 33 6.48 13.19 -12.52
CA GLN A 33 6.49 13.00 -13.96
C GLN A 33 7.92 12.75 -14.40
N ILE A 34 8.12 11.76 -15.27
CA ILE A 34 9.45 11.44 -15.75
C ILE A 34 10.05 12.69 -16.38
N LEU A 35 11.31 12.96 -16.07
CA LEU A 35 12.00 14.16 -16.49
C LEU A 35 12.90 13.82 -17.68
N THR A 36 12.41 14.09 -18.88
CA THR A 36 13.25 13.97 -20.05
C THR A 36 14.22 15.13 -20.17
N ASP A 37 14.00 16.20 -19.38
CA ASP A 37 14.84 17.38 -19.36
C ASP A 37 15.75 17.38 -18.14
N TRP A 38 16.01 16.21 -17.57
CA TRP A 38 16.75 16.14 -16.31
C TRP A 38 18.11 16.85 -16.37
N PRO A 39 18.85 16.89 -17.49
CA PRO A 39 20.13 17.62 -17.46
C PRO A 39 19.98 19.10 -17.16
N GLU A 40 18.84 19.72 -17.49
CA GLU A 40 18.64 21.11 -17.09
C GLU A 40 18.43 21.20 -15.57
N LEU A 41 17.79 20.20 -14.97
CA LEU A 41 17.72 20.16 -13.52
C LEU A 41 19.10 19.99 -12.90
N VAL A 42 19.98 19.22 -13.54
CA VAL A 42 21.34 19.08 -13.01
C VAL A 42 22.05 20.42 -13.01
N LYS A 43 22.07 21.09 -14.16
CA LYS A 43 22.77 22.38 -14.25
C LYS A 43 22.17 23.39 -13.28
N ARG A 44 20.85 23.33 -13.09
CA ARG A 44 20.18 24.27 -12.20
CA ARG A 44 20.20 24.30 -12.20
C ARG A 44 20.52 24.02 -10.73
N VAL A 45 20.83 22.79 -10.38
CA VAL A 45 21.05 22.35 -9.01
C VAL A 45 22.53 22.34 -8.61
N GLU A 46 23.41 22.13 -9.59
CA GLU A 46 24.83 21.88 -9.30
C GLU A 46 25.50 23.06 -8.60
N ASN A 47 25.04 24.29 -8.87
CA ASN A 47 25.66 25.46 -8.28
C ASN A 47 24.99 25.91 -6.98
N HIS A 48 23.95 25.21 -6.53
CA HIS A 48 23.35 25.57 -5.26
C HIS A 48 24.37 25.39 -4.14
N PRO A 49 24.37 26.27 -3.14
CA PRO A 49 25.33 26.11 -2.03
C PRO A 49 25.19 24.74 -1.36
N HIS A 50 26.34 24.20 -0.95
CA HIS A 50 26.56 22.93 -0.27
C HIS A 50 26.50 21.73 -1.20
N VAL A 51 26.07 21.87 -2.46
CA VAL A 51 25.96 20.73 -3.35
C VAL A 51 27.32 20.44 -3.97
N THR A 52 27.81 19.22 -3.77
CA THR A 52 29.11 18.78 -4.28
C THR A 52 29.01 17.68 -5.33
N GLY A 53 27.81 17.19 -5.61
CA GLY A 53 27.61 16.17 -6.62
C GLY A 53 26.14 16.01 -6.98
N VAL A 54 25.86 15.79 -8.27
CA VAL A 54 24.50 15.64 -8.76
C VAL A 54 24.49 14.50 -9.76
N ALA A 55 23.46 13.64 -9.70
CA ALA A 55 23.30 12.57 -10.68
C ALA A 55 21.84 12.20 -10.88
N PRO A 56 21.43 11.87 -12.11
CA PRO A 56 20.05 11.43 -12.31
C PRO A 56 19.85 10.04 -11.75
N PHE A 57 18.58 9.70 -11.49
CA PHE A 57 18.24 8.40 -10.97
C PHE A 57 16.77 8.10 -11.22
N THR A 58 16.44 6.80 -11.24
CA THR A 58 15.08 6.31 -11.21
C THR A 58 15.03 5.09 -10.30
N GLN A 59 14.17 5.12 -9.29
CA GLN A 59 14.14 4.10 -8.26
C GLN A 59 13.00 3.10 -8.50
N LEU A 60 13.37 1.82 -8.63
CA LEU A 60 12.48 0.71 -8.90
C LEU A 60 12.62 -0.34 -7.80
N GLN A 61 11.51 -1.00 -7.48
CA GLN A 61 11.50 -2.09 -6.50
C GLN A 61 10.96 -3.34 -7.18
N GLY A 62 11.64 -4.45 -6.98
CA GLY A 62 11.13 -5.65 -7.60
C GLY A 62 11.77 -6.89 -7.07
N MET A 63 11.83 -7.91 -7.90
CA MET A 63 12.48 -9.15 -7.56
C MET A 63 13.38 -9.56 -8.71
N LEU A 64 14.46 -10.25 -8.37
CA LEU A 64 15.29 -10.93 -9.34
C LEU A 64 14.97 -12.41 -9.27
N THR A 65 15.00 -13.06 -10.42
CA THR A 65 14.81 -14.51 -10.43
C THR A 65 15.77 -15.14 -11.40
N ALA A 66 16.32 -16.28 -11.00
CA ALA A 66 17.16 -17.09 -11.87
C ALA A 66 17.18 -18.49 -11.31
N GLN A 67 16.99 -19.49 -12.19
CA GLN A 67 17.18 -20.88 -11.84
C GLN A 67 16.37 -21.27 -10.61
N GLY A 68 15.12 -20.80 -10.58
CA GLY A 68 14.18 -21.10 -9.51
C GLY A 68 14.32 -20.25 -8.28
N GLN A 69 15.36 -19.44 -8.19
CA GLN A 69 15.56 -18.60 -7.02
C GLN A 69 14.92 -17.25 -7.25
N VAL A 70 14.53 -16.63 -6.13
CA VAL A 70 13.92 -15.32 -6.12
C VAL A 70 14.57 -14.53 -5.00
N ALA A 71 14.85 -13.26 -5.26
CA ALA A 71 15.41 -12.35 -4.27
C ALA A 71 14.79 -10.97 -4.47
N GLY A 72 14.45 -10.31 -3.37
CA GLY A 72 14.03 -8.93 -3.45
C GLY A 72 15.20 -8.02 -3.77
N ILE A 73 14.92 -6.91 -4.47
CA ILE A 73 15.98 -6.00 -4.85
C ILE A 73 15.38 -4.61 -5.06
N MET A 74 16.18 -3.59 -4.75
CA MET A 74 15.90 -2.20 -5.09
C MET A 74 16.86 -1.83 -6.21
N VAL A 75 16.33 -1.48 -7.37
CA VAL A 75 17.12 -1.20 -8.57
C VAL A 75 17.10 0.29 -8.86
N THR A 76 18.28 0.87 -9.09
CA THR A 76 18.40 2.27 -9.43
C THR A 76 18.95 2.38 -10.84
N GLY A 77 18.20 3.06 -11.71
CA GLY A 77 18.71 3.41 -13.04
C GLY A 77 19.66 4.58 -12.89
N ILE A 78 20.84 4.47 -13.50
CA ILE A 78 21.90 5.44 -13.33
C ILE A 78 22.61 5.73 -14.65
N ASP A 79 23.28 6.87 -14.67
CA ASP A 79 24.24 7.24 -15.71
C ASP A 79 25.62 7.17 -15.07
N PRO A 80 26.45 6.18 -15.40
CA PRO A 80 27.72 6.03 -14.67
C PRO A 80 28.61 7.27 -14.73
N LYS A 81 28.56 8.04 -15.83
CA LYS A 81 29.38 9.24 -15.92
C LYS A 81 29.01 10.24 -14.83
N TYR A 82 27.73 10.32 -14.48
CA TYR A 82 27.31 11.20 -13.39
C TYR A 82 27.42 10.51 -12.04
N GLU A 83 27.14 9.20 -11.99
CA GLU A 83 27.01 8.50 -10.71
C GLU A 83 28.27 8.60 -9.87
N LYS A 84 29.43 8.79 -10.50
CA LYS A 84 30.66 8.95 -9.73
C LYS A 84 30.62 10.18 -8.84
N ASN A 85 29.79 11.17 -9.19
CA ASN A 85 29.70 12.39 -8.41
C ASN A 85 28.94 12.20 -7.10
N VAL A 86 28.15 11.14 -6.96
CA VAL A 86 27.34 10.92 -5.76
C VAL A 86 27.65 9.61 -5.07
N SER A 87 28.32 8.67 -5.72
CA SER A 87 28.42 7.30 -5.22
C SER A 87 29.87 6.90 -5.02
N ILE A 88 30.06 5.78 -4.34
CA ILE A 88 31.34 5.12 -4.22
C ILE A 88 31.32 3.71 -4.81
N ILE A 89 30.22 3.35 -5.48
CA ILE A 89 30.10 2.01 -6.05
C ILE A 89 31.21 1.73 -7.06
N GLN A 90 31.61 2.74 -7.82
CA GLN A 90 32.66 2.58 -8.82
C GLN A 90 34.00 2.21 -8.18
N ASN A 91 34.19 2.52 -6.90
CA ASN A 91 35.41 2.19 -6.16
C ASN A 91 35.40 0.77 -5.62
N HIS A 92 34.29 0.04 -5.75
CA HIS A 92 34.19 -1.27 -5.13
C HIS A 92 33.69 -2.31 -6.12
N ILE A 93 33.98 -2.12 -7.40
CA ILE A 93 33.61 -3.07 -8.42
C ILE A 93 34.59 -4.23 -8.41
N VAL A 94 34.09 -5.44 -8.17
CA VAL A 94 34.91 -6.64 -8.04
C VAL A 94 35.00 -7.37 -9.38
N ALA A 95 33.98 -7.21 -10.22
CA ALA A 95 34.01 -7.79 -11.56
C ALA A 95 33.21 -6.90 -12.49
N GLY A 96 33.57 -6.91 -13.76
CA GLY A 96 32.88 -6.11 -14.75
C GLY A 96 33.15 -4.62 -14.58
N SER A 97 32.18 -3.81 -14.98
CA SER A 97 32.36 -2.37 -14.91
C SER A 97 31.01 -1.68 -15.01
N LEU A 98 30.86 -0.58 -14.26
CA LEU A 98 29.65 0.21 -14.36
C LEU A 98 29.47 0.78 -15.75
N ASP A 99 30.57 1.08 -16.45
CA ASP A 99 30.51 1.66 -17.78
CA ASP A 99 30.49 1.67 -17.77
C ASP A 99 29.79 0.77 -18.79
N SER A 100 29.54 -0.50 -18.46
CA SER A 100 28.79 -1.38 -19.34
C SER A 100 27.28 -1.18 -19.25
N LEU A 101 26.82 -0.27 -18.38
CA LEU A 101 25.40 0.06 -18.29
C LEU A 101 25.08 1.09 -19.36
N LYS A 102 24.58 0.64 -20.50
CA LYS A 102 24.24 1.51 -21.61
C LYS A 102 22.82 1.25 -22.05
N LYS A 103 22.17 2.28 -22.59
CA LYS A 103 20.78 2.15 -23.03
C LYS A 103 20.66 1.02 -24.05
N GLY A 104 19.67 0.15 -23.84
CA GLY A 104 19.36 -0.92 -24.76
C GLY A 104 20.17 -2.18 -24.57
N GLU A 105 21.20 -2.16 -23.74
CA GLU A 105 22.01 -3.35 -23.50
C GLU A 105 21.46 -4.20 -22.36
N PHE A 106 20.66 -3.61 -21.48
CA PHE A 106 20.01 -4.32 -20.37
C PHE A 106 21.03 -5.10 -19.55
N GLY A 107 22.15 -4.45 -19.25
CA GLY A 107 23.03 -4.97 -18.25
C GLY A 107 22.56 -4.61 -16.86
N ILE A 108 23.06 -5.33 -15.87
CA ILE A 108 22.75 -5.04 -14.47
C ILE A 108 24.02 -5.23 -13.65
N VAL A 109 24.20 -4.37 -12.65
CA VAL A 109 25.30 -4.49 -11.70
C VAL A 109 24.70 -4.87 -10.36
N LEU A 110 25.19 -5.98 -9.80
CA LEU A 110 24.65 -6.61 -8.60
C LEU A 110 25.70 -6.64 -7.50
N GLY A 111 25.22 -6.75 -6.26
CA GLY A 111 26.12 -6.99 -5.14
C GLY A 111 26.59 -8.43 -5.11
N LYS A 112 27.79 -8.62 -4.54
CA LYS A 112 28.40 -9.94 -4.51
C LYS A 112 27.52 -10.98 -3.84
N ASP A 113 26.93 -10.62 -2.69
CA ASP A 113 26.09 -11.58 -1.96
C ASP A 113 24.85 -11.92 -2.77
N MET A 114 24.23 -10.90 -3.37
CA MET A 114 23.05 -11.13 -4.19
C MET A 114 23.37 -12.07 -5.34
N ALA A 115 24.48 -11.83 -6.03
CA ALA A 115 24.86 -12.65 -7.17
C ALA A 115 25.15 -14.08 -6.75
N ASP A 116 25.79 -14.25 -5.59
CA ASP A 116 26.05 -15.59 -5.08
C ASP A 116 24.75 -16.31 -4.77
N SER A 117 23.79 -15.60 -4.16
CA SER A 117 22.51 -16.22 -3.79
CA SER A 117 22.54 -16.26 -3.78
C SER A 117 21.79 -16.80 -5.00
N LEU A 118 21.97 -16.22 -6.18
CA LEU A 118 21.30 -16.65 -7.40
C LEU A 118 22.19 -17.45 -8.33
N GLY A 119 23.37 -17.87 -7.89
CA GLY A 119 24.27 -18.61 -8.76
C GLY A 119 24.72 -17.84 -9.98
N LEU A 120 24.83 -16.53 -9.86
CA LEU A 120 25.14 -15.66 -10.99
C LEU A 120 26.61 -15.29 -10.98
N ARG A 121 27.20 -15.28 -12.17
CA ARG A 121 28.52 -14.77 -12.41
C ARG A 121 28.44 -13.67 -13.45
N LEU A 122 29.59 -13.08 -13.76
CA LEU A 122 29.64 -12.06 -14.80
C LEU A 122 29.11 -12.65 -16.11
N ASN A 123 28.33 -11.85 -16.83
CA ASN A 123 27.74 -12.18 -18.13
CA ASN A 123 27.74 -12.18 -18.13
C ASN A 123 26.64 -13.24 -18.04
N ASP A 124 26.18 -13.57 -16.83
CA ASP A 124 25.06 -14.49 -16.69
C ASP A 124 23.74 -13.76 -16.82
N SER A 125 22.72 -14.50 -17.23
CA SER A 125 21.38 -13.94 -17.36
C SER A 125 20.66 -13.96 -16.02
N VAL A 126 19.83 -12.94 -15.81
CA VAL A 126 18.97 -12.87 -14.63
C VAL A 126 17.73 -12.08 -15.02
N THR A 127 16.58 -12.47 -14.49
CA THR A 127 15.32 -11.85 -14.87
C THR A 127 14.90 -10.83 -13.83
N LEU A 128 14.62 -9.60 -14.28
CA LEU A 128 14.08 -8.58 -13.39
C LEU A 128 12.57 -8.58 -13.49
N VAL A 129 11.90 -8.66 -12.35
CA VAL A 129 10.44 -8.72 -12.28
C VAL A 129 9.97 -7.51 -11.50
N LEU A 130 9.05 -6.74 -12.09
CA LEU A 130 8.49 -5.58 -11.41
C LEU A 130 7.01 -5.83 -11.18
N PRO A 131 6.52 -5.66 -9.96
CA PRO A 131 5.09 -5.80 -9.73
C PRO A 131 4.37 -4.55 -10.22
N GLU A 132 3.13 -4.77 -10.65
CA GLU A 132 2.28 -3.70 -11.15
C GLU A 132 0.87 -4.00 -10.67
N ALA A 133 0.28 -3.07 -9.93
CA ALA A 133 -1.04 -3.29 -9.38
C ALA A 133 -2.07 -3.51 -10.48
N THR A 134 -3.15 -4.19 -10.11
CA THR A 134 -4.30 -4.43 -10.98
C THR A 134 -5.49 -4.64 -10.07
N PRO A 135 -6.68 -4.13 -10.44
CA PRO A 135 -7.87 -4.39 -9.64
C PRO A 135 -8.36 -5.83 -9.73
N SER A 136 -7.81 -6.63 -10.66
CA SER A 136 -8.22 -8.03 -10.83
C SER A 136 -7.87 -8.82 -9.57
N PRO A 137 -8.50 -9.97 -9.35
CA PRO A 137 -8.21 -10.75 -8.14
C PRO A 137 -6.75 -11.16 -8.03
N ALA A 138 -6.02 -11.25 -9.14
CA ALA A 138 -4.61 -11.60 -9.07
C ALA A 138 -3.82 -10.58 -8.25
N GLY A 139 -4.21 -9.30 -8.33
CA GLY A 139 -3.58 -8.27 -7.52
C GLY A 139 -2.33 -7.67 -8.13
N VAL A 140 -1.55 -8.49 -8.85
CA VAL A 140 -0.35 -8.02 -9.52
C VAL A 140 -0.26 -8.62 -10.91
N VAL A 141 0.11 -7.78 -11.88
CA VAL A 141 0.61 -8.24 -13.17
C VAL A 141 2.12 -7.99 -13.16
N PRO A 142 2.94 -9.03 -13.09
CA PRO A 142 4.38 -8.81 -13.07
C PRO A 142 4.89 -8.48 -14.46
N ARG A 143 5.76 -7.49 -14.54
CA ARG A 143 6.47 -7.21 -15.77
C ARG A 143 7.89 -7.71 -15.55
N PHE A 144 8.33 -8.61 -16.42
CA PHE A 144 9.64 -9.20 -16.28
C PHE A 144 10.45 -8.99 -17.56
N LYS A 145 11.75 -8.77 -17.37
CA LYS A 145 12.69 -8.49 -18.45
C LYS A 145 14.03 -9.16 -18.14
N ARG A 146 14.61 -9.79 -19.14
CA ARG A 146 15.87 -10.49 -18.97
C ARG A 146 17.03 -9.48 -19.00
N PHE A 147 17.95 -9.63 -18.03
CA PHE A 147 19.13 -8.79 -17.91
C PHE A 147 20.37 -9.68 -17.94
N LYS A 148 21.52 -9.05 -18.22
CA LYS A 148 22.81 -9.71 -18.19
C LYS A 148 23.66 -9.03 -17.12
N VAL A 149 24.33 -9.83 -16.29
CA VAL A 149 25.20 -9.28 -15.26
C VAL A 149 26.46 -8.73 -15.93
N VAL A 150 26.66 -7.41 -15.81
CA VAL A 150 27.86 -6.77 -16.36
C VAL A 150 28.74 -6.19 -15.27
N GLY A 151 28.36 -6.32 -14.00
CA GLY A 151 29.17 -5.80 -12.93
C GLY A 151 28.77 -6.37 -11.60
N ILE A 152 29.74 -6.48 -10.71
CA ILE A 152 29.52 -6.98 -9.36
C ILE A 152 30.33 -6.10 -8.43
N PHE A 153 29.69 -5.61 -7.36
CA PHE A 153 30.34 -4.76 -6.40
C PHE A 153 30.36 -5.45 -5.04
N SER A 154 31.21 -4.94 -4.16
CA SER A 154 31.29 -5.41 -2.78
C SER A 154 31.54 -4.20 -1.90
N VAL A 155 30.52 -3.76 -1.16
CA VAL A 155 30.63 -2.57 -0.32
C VAL A 155 30.42 -2.94 1.14
N GLY A 156 29.20 -3.34 1.49
CA GLY A 156 28.87 -3.70 2.87
C GLY A 156 27.80 -4.77 2.90
N ALA A 157 27.65 -5.39 4.07
CA ALA A 157 26.76 -6.54 4.18
C ALA A 157 25.34 -6.20 3.75
N GLU A 158 24.83 -5.03 4.14
CA GLU A 158 23.45 -4.67 3.82
C GLU A 158 23.28 -4.38 2.34
N VAL A 159 24.12 -3.49 1.80
CA VAL A 159 23.93 -3.02 0.44
C VAL A 159 24.18 -4.13 -0.57
N ASP A 160 25.12 -5.05 -0.27
CA ASP A 160 25.47 -6.11 -1.22
C ASP A 160 24.30 -7.05 -1.51
N SER A 161 23.32 -7.14 -0.62
CA SER A 161 22.23 -8.09 -0.77
C SER A 161 20.88 -7.47 -1.13
N MET A 162 20.81 -6.16 -1.36
CA MET A 162 19.52 -5.52 -1.56
C MET A 162 19.44 -4.62 -2.79
N VAL A 163 20.55 -4.13 -3.33
CA VAL A 163 20.48 -3.08 -4.34
C VAL A 163 21.21 -3.51 -5.60
N GLY A 164 20.68 -3.05 -6.73
CA GLY A 164 21.30 -3.26 -8.02
C GLY A 164 21.16 -2.00 -8.85
N TYR A 165 21.93 -1.97 -9.94
CA TYR A 165 22.01 -0.81 -10.82
C TYR A 165 21.80 -1.23 -12.27
N ILE A 166 21.03 -0.42 -13.01
CA ILE A 166 20.81 -0.62 -14.43
C ILE A 166 20.98 0.73 -15.13
N ALA A 167 20.97 0.68 -16.47
CA ALA A 167 21.06 1.92 -17.24
C ALA A 167 19.83 2.79 -16.99
N LEU A 168 20.08 4.09 -16.85
CA LEU A 168 19.01 5.05 -16.62
C LEU A 168 17.83 4.87 -17.59
N TYR A 169 18.11 4.78 -18.89
CA TYR A 169 17.05 4.70 -19.89
C TYR A 169 16.49 3.28 -20.06
N ASP A 170 17.19 2.26 -19.57
CA ASP A 170 16.55 0.95 -19.43
C ASP A 170 15.53 0.96 -18.30
N ALA A 171 15.80 1.74 -17.25
CA ALA A 171 14.83 1.89 -16.17
C ALA A 171 13.54 2.51 -16.71
N SER A 172 13.63 3.60 -17.47
CA SER A 172 12.41 4.20 -18.00
C SER A 172 11.74 3.32 -19.05
N THR A 173 12.50 2.57 -19.84
CA THR A 173 11.91 1.70 -20.86
C THR A 173 11.14 0.57 -20.19
N LEU A 174 11.67 0.05 -19.08
CA LEU A 174 10.93 -0.92 -18.29
C LEU A 174 9.60 -0.37 -17.83
N LEU A 175 9.53 0.93 -17.55
CA LEU A 175 8.31 1.58 -17.13
C LEU A 175 7.43 2.03 -18.30
N ARG A 176 7.78 1.65 -19.54
CA ARG A 176 7.06 2.05 -20.75
C ARG A 176 7.00 3.58 -20.87
N LEU A 177 8.10 4.24 -20.53
CA LEU A 177 8.18 5.69 -20.53
C LEU A 177 9.25 6.20 -21.49
N PRO A 178 9.19 7.47 -21.88
CA PRO A 178 10.27 8.05 -22.66
C PRO A 178 11.57 8.12 -21.86
N ASP A 179 12.67 8.30 -22.57
CA ASP A 179 13.97 8.42 -21.92
C ASP A 179 13.98 9.58 -20.94
N GLY A 180 14.21 9.27 -19.67
CA GLY A 180 14.25 10.31 -18.67
C GLY A 180 14.54 9.73 -17.31
N ALA A 181 14.43 10.59 -16.29
CA ALA A 181 14.79 10.25 -14.93
C ALA A 181 13.67 10.64 -13.98
N GLN A 182 13.62 9.92 -12.85
CA GLN A 182 12.68 10.25 -11.79
C GLN A 182 13.09 11.54 -11.07
N GLY A 183 14.39 11.82 -11.00
CA GLY A 183 14.88 12.99 -10.30
C GLY A 183 16.39 13.02 -10.36
N VAL A 184 16.98 13.89 -9.53
CA VAL A 184 18.43 13.97 -9.40
C VAL A 184 18.79 13.75 -7.93
N ARG A 185 19.90 13.04 -7.71
CA ARG A 185 20.43 12.78 -6.38
C ARG A 185 21.53 13.78 -6.05
N LEU A 186 21.54 14.29 -4.81
CA LEU A 186 22.50 15.28 -4.36
C LEU A 186 23.49 14.70 -3.37
N LYS A 187 24.76 15.08 -3.52
CA LYS A 187 25.78 14.88 -2.51
C LYS A 187 26.22 16.25 -2.00
N LEU A 188 26.40 16.36 -0.69
CA LEU A 188 26.64 17.65 -0.05
C LEU A 188 27.93 17.64 0.75
N ASP A 189 28.40 18.86 1.08
CA ASP A 189 29.56 19.04 1.94
C ASP A 189 29.23 18.77 3.41
N ASP A 190 27.96 18.88 3.78
CA ASP A 190 27.49 18.66 5.14
C ASP A 190 26.16 17.92 5.05
N ILE A 191 26.15 16.64 5.41
CA ILE A 191 24.93 15.85 5.24
C ILE A 191 23.80 16.42 6.09
N PHE A 192 24.14 17.10 7.19
CA PHE A 192 23.12 17.67 8.05
C PHE A 192 22.46 18.90 7.44
N ALA A 193 22.99 19.43 6.35
CA ALA A 193 22.36 20.48 5.56
C ALA A 193 21.40 19.94 4.49
N ALA A 194 21.30 18.62 4.35
CA ALA A 194 20.49 18.04 3.30
C ALA A 194 19.02 18.44 3.37
N PRO A 195 18.37 18.46 4.53
CA PRO A 195 16.95 18.89 4.54
C PRO A 195 16.76 20.29 4.00
N GLN A 196 17.58 21.26 4.45
CA GLN A 196 17.38 22.63 4.04
C GLN A 196 17.64 22.80 2.54
N VAL A 197 18.68 22.18 2.02
CA VAL A 197 19.06 22.38 0.63
C VAL A 197 17.96 21.90 -0.30
N ALA A 198 17.48 20.68 -0.06
CA ALA A 198 16.43 20.10 -0.91
C ALA A 198 15.13 20.87 -0.79
N ASP A 199 14.77 21.31 0.43
CA ASP A 199 13.58 22.13 0.57
C ASP A 199 13.73 23.46 -0.16
N ASP A 200 14.92 24.08 -0.08
CA ASP A 200 15.15 25.35 -0.76
C ASP A 200 15.08 25.19 -2.27
N ILE A 201 15.67 24.13 -2.81
CA ILE A 201 15.65 23.91 -4.26
C ILE A 201 14.22 23.69 -4.75
N VAL A 202 13.44 22.91 -4.00
CA VAL A 202 12.10 22.57 -4.46
C VAL A 202 11.19 23.80 -4.43
N LYS A 203 11.48 24.76 -3.54
CA LYS A 203 10.64 25.95 -3.42
C LYS A 203 10.52 26.70 -4.74
N ASN A 204 11.58 26.70 -5.55
CA ASN A 204 11.58 27.42 -6.83
C ASN A 204 11.30 26.50 -8.01
N LEU A 205 10.79 25.30 -7.77
CA LEU A 205 10.40 24.38 -8.83
C LEU A 205 8.88 24.25 -8.89
N PRO A 206 8.34 23.87 -10.04
CA PRO A 206 6.88 23.67 -10.15
C PRO A 206 6.40 22.48 -9.31
N SER A 207 5.08 22.37 -9.23
CA SER A 207 4.45 21.49 -8.24
C SER A 207 4.71 20.01 -8.47
N ASN A 208 5.18 19.60 -9.65
CA ASN A 208 5.46 18.18 -9.86
C ASN A 208 6.69 17.72 -9.09
N PHE A 209 7.53 18.64 -8.64
CA PHE A 209 8.74 18.30 -7.92
C PHE A 209 8.51 18.20 -6.43
N TYR A 210 9.28 17.34 -5.77
CA TYR A 210 9.25 17.23 -4.32
C TYR A 210 10.65 16.82 -3.82
N ALA A 211 10.92 17.14 -2.57
CA ALA A 211 12.23 16.82 -1.99
C ALA A 211 12.15 15.59 -1.09
N THR A 212 13.25 14.83 -1.06
CA THR A 212 13.49 13.81 -0.05
C THR A 212 14.85 14.09 0.56
N ASN A 213 15.08 13.58 1.77
CA ASN A 213 16.41 13.63 2.34
C ASN A 213 16.60 12.43 3.25
N TRP A 214 17.84 12.19 3.65
CA TRP A 214 18.18 10.95 4.35
C TRP A 214 17.51 10.81 5.72
N THR A 215 17.00 11.90 6.30
CA THR A 215 16.31 11.75 7.57
C THR A 215 14.91 11.13 7.44
N TYR A 216 14.42 10.86 6.21
CA TYR A 216 13.14 10.20 6.03
C TYR A 216 13.33 8.69 6.10
N THR A 217 12.78 8.07 7.13
CA THR A 217 12.88 6.61 7.28
C THR A 217 11.49 5.98 7.12
N ASN A 220 8.90 2.01 9.38
CA ASN A 220 8.94 0.97 10.41
C ASN A 220 7.66 0.99 11.24
N LEU A 221 6.50 1.03 10.58
CA LEU A 221 5.24 1.15 11.29
C LEU A 221 4.85 -0.20 11.88
N PHE A 222 4.25 -0.15 13.06
CA PHE A 222 3.69 -1.33 13.72
C PHE A 222 2.21 -1.50 13.43
N ASN A 223 1.59 -0.54 12.75
CA ASN A 223 0.22 -0.66 12.28
C ASN A 223 0.18 -0.51 10.75
N ASP B 13 27.65 24.79 11.36
CA ASP B 13 26.78 24.93 12.52
C ASP B 13 26.69 23.64 13.32
N ARG B 14 27.35 23.61 14.49
CA ARG B 14 27.30 22.42 15.33
C ARG B 14 25.92 22.23 15.94
N GLU B 15 25.17 23.33 16.13
CA GLU B 15 23.81 23.24 16.63
C GLU B 15 22.88 22.62 15.60
N LEU B 16 23.04 23.00 14.33
CA LEU B 16 22.22 22.39 13.27
C LEU B 16 22.40 20.88 13.26
N LYS B 17 23.63 20.41 13.39
CA LYS B 17 23.87 18.97 13.45
C LYS B 17 23.17 18.36 14.64
N ASN B 18 23.21 19.04 15.79
CA ASN B 18 22.58 18.48 16.98
C ASN B 18 21.07 18.41 16.83
N ARG B 19 20.47 19.38 16.13
CA ARG B 19 19.03 19.34 15.90
C ARG B 19 18.67 18.24 14.88
N VAL B 20 19.42 18.16 13.78
CA VAL B 20 19.13 17.16 12.76
C VAL B 20 19.45 15.76 13.28
N LEU B 21 20.68 15.56 13.76
CA LEU B 21 21.09 14.22 14.20
C LEU B 21 20.34 13.76 15.44
N GLY B 22 19.95 14.69 16.32
CA GLY B 22 19.22 14.31 17.53
C GLY B 22 17.87 13.71 17.29
N MET B 23 17.27 13.96 16.12
CA MET B 23 15.92 13.50 15.80
C MET B 23 15.87 12.25 14.95
N VAL B 24 16.99 11.75 14.45
CA VAL B 24 16.94 10.57 13.60
C VAL B 24 17.15 9.32 14.44
N PRO B 25 16.28 8.32 14.35
CA PRO B 25 16.56 7.04 15.01
C PRO B 25 17.74 6.33 14.35
N GLN B 26 18.85 6.27 15.08
CA GLN B 26 20.11 5.79 14.48
C GLN B 26 20.05 4.28 14.21
N ALA B 27 19.49 3.52 15.13
CA ALA B 27 19.28 2.09 14.96
C ALA B 27 18.16 1.67 15.89
N THR B 28 17.46 0.59 15.51
CA THR B 28 16.47 0.00 16.41
C THR B 28 16.64 -1.51 16.42
N VAL B 29 16.25 -2.11 17.53
CA VAL B 29 15.98 -3.52 17.58
C VAL B 29 14.48 -3.62 17.75
N SER B 30 13.77 -3.97 16.69
CA SER B 30 12.32 -3.99 16.68
C SER B 30 11.83 -5.43 16.55
N SER B 31 10.52 -5.60 16.72
CA SER B 31 9.92 -6.93 16.70
C SER B 31 8.59 -6.88 15.95
N THR B 32 8.28 -7.97 15.26
CA THR B 32 6.96 -8.12 14.68
C THR B 32 5.90 -8.45 15.73
N GLN B 33 6.31 -8.76 16.96
CA GLN B 33 5.44 -9.04 18.09
C GLN B 33 5.69 -7.99 19.16
N ILE B 34 4.61 -7.43 19.73
CA ILE B 34 4.75 -6.43 20.78
C ILE B 34 5.56 -7.05 21.93
N LEU B 35 6.49 -6.28 22.47
CA LEU B 35 7.42 -6.81 23.47
C LEU B 35 6.96 -6.38 24.85
N THR B 36 6.26 -7.27 25.54
CA THR B 36 5.89 -7.06 26.93
C THR B 36 7.10 -7.20 27.85
N ASP B 37 8.22 -7.70 27.34
CA ASP B 37 9.44 -7.87 28.11
C ASP B 37 10.52 -6.84 27.72
N TRP B 38 10.11 -5.67 27.18
CA TRP B 38 11.08 -4.73 26.63
C TRP B 38 12.16 -4.28 27.61
N PRO B 39 11.94 -4.13 28.92
CA PRO B 39 13.06 -3.78 29.81
C PRO B 39 14.16 -4.82 29.81
N GLU B 40 13.85 -6.08 29.55
CA GLU B 40 14.90 -7.09 29.43
C GLU B 40 15.71 -6.87 28.15
N LEU B 41 15.03 -6.46 27.07
CA LEU B 41 15.73 -6.10 25.85
C LEU B 41 16.64 -4.88 26.06
N VAL B 42 16.21 -3.94 26.90
CA VAL B 42 17.04 -2.77 27.19
C VAL B 42 18.32 -3.18 27.91
N LYS B 43 18.19 -3.95 28.99
CA LYS B 43 19.36 -4.37 29.75
C LYS B 43 20.34 -5.16 28.90
N ARG B 44 19.83 -5.89 27.90
CA ARG B 44 20.69 -6.73 27.07
C ARG B 44 21.47 -5.91 26.05
N VAL B 45 20.93 -4.74 25.67
CA VAL B 45 21.51 -3.96 24.59
C VAL B 45 22.29 -2.74 25.07
N GLU B 46 21.95 -2.20 26.25
CA GLU B 46 22.50 -0.91 26.66
C GLU B 46 24.00 -0.94 26.86
N ASN B 47 24.57 -2.09 27.24
CA ASN B 47 26.00 -2.22 27.40
C ASN B 47 26.70 -2.74 26.14
N HIS B 48 25.97 -2.94 25.06
CA HIS B 48 26.60 -3.34 23.80
C HIS B 48 27.58 -2.26 23.35
N PRO B 49 28.73 -2.63 22.80
CA PRO B 49 29.69 -1.61 22.36
C PRO B 49 29.06 -0.63 21.38
N HIS B 50 29.47 0.64 21.51
CA HIS B 50 29.06 1.83 20.79
C HIS B 50 27.73 2.38 21.29
N VAL B 51 26.99 1.64 22.11
CA VAL B 51 25.64 2.07 22.53
C VAL B 51 25.73 3.03 23.70
N THR B 52 25.19 4.24 23.53
CA THR B 52 25.21 5.25 24.57
C THR B 52 23.84 5.64 25.11
N GLY B 53 22.75 5.10 24.56
CA GLY B 53 21.41 5.38 25.04
C GLY B 53 20.39 4.43 24.46
N VAL B 54 19.38 4.03 25.26
CA VAL B 54 18.35 3.09 24.82
C VAL B 54 16.99 3.55 25.33
N ALA B 55 15.96 3.45 24.49
CA ALA B 55 14.61 3.77 24.91
C ALA B 55 13.61 2.94 24.11
N PRO B 56 12.50 2.49 24.72
CA PRO B 56 11.48 1.74 23.98
C PRO B 56 10.70 2.68 23.06
N PHE B 57 10.05 2.08 22.07
CA PHE B 57 9.24 2.90 21.16
C PHE B 57 8.18 2.03 20.51
N THR B 58 7.10 2.69 20.09
CA THR B 58 6.08 2.10 19.21
C THR B 58 5.63 3.17 18.23
N GLN B 59 5.77 2.86 16.94
CA GLN B 59 5.61 3.84 15.87
C GLN B 59 4.27 3.64 15.16
N LEU B 60 3.42 4.67 15.19
CA LEU B 60 2.10 4.64 14.58
C LEU B 60 1.99 5.77 13.56
N GLN B 61 1.22 5.53 12.51
CA GLN B 61 0.97 6.55 11.50
C GLN B 61 -0.52 6.78 11.34
N GLY B 62 -0.93 8.04 11.34
CA GLY B 62 -2.32 8.39 11.18
C GLY B 62 -2.51 9.86 10.86
N MET B 63 -3.66 10.41 11.24
CA MET B 63 -3.97 11.81 11.07
C MET B 63 -4.52 12.37 12.38
N LEU B 64 -4.26 13.64 12.61
CA LEU B 64 -4.86 14.39 13.70
C LEU B 64 -5.91 15.31 13.11
N THR B 65 -7.01 15.50 13.84
CA THR B 65 -8.04 16.43 13.41
C THR B 65 -8.56 17.22 14.60
N ALA B 66 -8.82 18.51 14.36
CA ALA B 66 -9.43 19.37 15.36
C ALA B 66 -10.07 20.54 14.63
N GLN B 67 -11.31 20.84 14.98
CA GLN B 67 -12.01 22.01 14.45
C GLN B 67 -11.99 22.01 12.93
N GLY B 68 -12.15 20.82 12.35
CA GLY B 68 -12.19 20.66 10.92
C GLY B 68 -10.85 20.58 10.21
N GLN B 69 -9.74 20.78 10.90
CA GLN B 69 -8.44 20.72 10.25
C GLN B 69 -7.93 19.29 10.37
N VAL B 70 -7.09 18.90 9.41
CA VAL B 70 -6.53 17.55 9.36
C VAL B 70 -5.06 17.66 9.00
N ALA B 71 -4.24 16.88 9.68
CA ALA B 71 -2.82 16.79 9.37
C ALA B 71 -2.35 15.35 9.51
N GLY B 72 -1.52 14.91 8.57
CA GLY B 72 -0.86 13.64 8.74
C GLY B 72 0.14 13.71 9.86
N ILE B 73 0.34 12.58 10.53
CA ILE B 73 1.24 12.57 11.68
C ILE B 73 1.84 11.19 11.84
N MET B 74 3.08 11.19 12.28
CA MET B 74 3.79 10.00 12.71
C MET B 74 3.87 10.04 14.22
N VAL B 75 3.25 9.07 14.88
CA VAL B 75 3.12 9.06 16.34
C VAL B 75 4.07 8.02 16.91
N THR B 76 4.84 8.42 17.92
CA THR B 76 5.74 7.50 18.61
C THR B 76 5.29 7.39 20.05
N GLY B 77 5.01 6.16 20.49
CA GLY B 77 4.79 5.93 21.90
C GLY B 77 6.13 5.88 22.59
N ILE B 78 6.28 6.61 23.70
CA ILE B 78 7.55 6.77 24.38
C ILE B 78 7.35 6.65 25.89
N ASP B 79 8.45 6.36 26.58
CA ASP B 79 8.56 6.50 28.03
C ASP B 79 9.50 7.67 28.30
N PRO B 80 9.00 8.82 28.75
CA PRO B 80 9.88 10.00 28.87
C PRO B 80 11.11 9.76 29.73
N LYS B 81 11.03 8.89 30.75
CA LYS B 81 12.20 8.61 31.57
C LYS B 81 13.32 7.99 30.74
N TYR B 82 12.99 7.16 29.76
CA TYR B 82 14.00 6.60 28.86
C TYR B 82 14.29 7.50 27.66
N GLU B 83 13.27 8.17 27.13
CA GLU B 83 13.41 8.86 25.84
C GLU B 83 14.49 9.93 25.87
N LYS B 84 14.76 10.52 27.03
CA LYS B 84 15.82 11.52 27.12
C LYS B 84 17.20 10.93 26.80
N ASN B 85 17.37 9.61 26.94
CA ASN B 85 18.65 9.00 26.63
C ASN B 85 18.91 8.91 25.12
N VAL B 86 17.90 9.07 24.27
CA VAL B 86 18.10 8.97 22.83
C VAL B 86 17.70 10.22 22.07
N SER B 87 16.97 11.13 22.68
CA SER B 87 16.28 12.20 21.97
C SER B 87 16.74 13.57 22.45
N ILE B 88 16.37 14.59 21.69
CA ILE B 88 16.59 15.97 22.10
C ILE B 88 15.27 16.74 22.22
N ILE B 89 14.12 16.05 22.08
CA ILE B 89 12.83 16.72 22.15
C ILE B 89 12.62 17.36 23.51
N GLN B 90 13.12 16.72 24.58
CA GLN B 90 13.00 17.28 25.92
C GLN B 90 13.76 18.60 26.08
N ASN B 91 14.73 18.88 25.21
CA ASN B 91 15.45 20.14 25.25
C ASN B 91 14.74 21.27 24.52
N HIS B 92 13.64 20.99 23.82
CA HIS B 92 12.97 22.00 22.99
C HIS B 92 11.49 22.11 23.31
N ILE B 93 11.12 21.87 24.56
CA ILE B 93 9.74 21.99 25.01
C ILE B 93 9.39 23.46 25.16
N VAL B 94 8.41 23.93 24.41
CA VAL B 94 8.00 25.32 24.41
C VAL B 94 6.81 25.51 25.35
N ALA B 95 6.01 24.46 25.52
CA ALA B 95 4.87 24.54 26.43
C ALA B 95 4.57 23.16 26.97
N GLY B 96 4.08 23.12 28.20
CA GLY B 96 3.72 21.86 28.79
C GLY B 96 4.94 21.05 29.18
N SER B 97 4.79 19.73 29.15
CA SER B 97 5.85 18.86 29.61
C SER B 97 5.65 17.47 29.05
N LEU B 98 6.78 16.83 28.71
CA LEU B 98 6.77 15.43 28.31
C LEU B 98 6.40 14.52 29.48
N ASP B 99 6.60 14.98 30.72
CA ASP B 99 6.25 14.16 31.87
C ASP B 99 4.74 13.97 32.03
N SER B 100 3.93 14.72 31.29
CA SER B 100 2.49 14.48 31.29
C SER B 100 2.10 13.26 30.45
N LEU B 101 3.04 12.62 29.78
CA LEU B 101 2.75 11.41 29.01
C LEU B 101 2.76 10.23 29.98
N LYS B 102 1.58 9.88 30.48
CA LYS B 102 1.43 8.78 31.42
C LYS B 102 0.37 7.82 30.90
N LYS B 103 0.52 6.54 31.24
CA LYS B 103 -0.41 5.53 30.74
C LYS B 103 -1.83 5.86 31.13
N GLY B 104 -2.74 5.78 30.15
CA GLY B 104 -4.15 5.92 30.40
C GLY B 104 -4.68 7.33 30.42
N GLU B 105 -3.82 8.34 30.38
CA GLU B 105 -4.27 9.72 30.36
C GLU B 105 -4.48 10.27 28.94
N PHE B 106 -3.87 9.64 27.94
CA PHE B 106 -4.04 10.02 26.53
C PHE B 106 -3.70 11.50 26.29
N GLY B 107 -2.54 11.89 26.81
CA GLY B 107 -1.95 13.14 26.39
C GLY B 107 -1.17 12.97 25.10
N ILE B 108 -0.90 14.07 24.42
CA ILE B 108 -0.05 14.04 23.24
C ILE B 108 0.84 15.27 23.24
N VAL B 109 2.09 15.10 22.80
CA VAL B 109 3.03 16.22 22.65
C VAL B 109 3.26 16.44 21.17
N LEU B 110 3.02 17.67 20.71
CA LEU B 110 3.02 18.03 19.31
C LEU B 110 4.08 19.07 19.00
N GLY B 111 4.49 19.10 17.73
CA GLY B 111 5.31 20.18 17.26
C GLY B 111 4.49 21.44 17.04
N LYS B 112 5.16 22.57 17.19
CA LYS B 112 4.49 23.87 17.14
C LYS B 112 3.75 24.09 15.82
N ASP B 113 4.39 23.77 14.69
CA ASP B 113 3.77 24.03 13.39
C ASP B 113 2.51 23.20 13.22
N MET B 114 2.56 21.92 13.59
CA MET B 114 1.38 21.07 13.50
C MET B 114 0.29 21.59 14.41
N ALA B 115 0.67 22.00 15.62
CA ALA B 115 -0.32 22.50 16.56
C ALA B 115 -1.00 23.75 16.00
N ASP B 116 -0.23 24.62 15.36
CA ASP B 116 -0.81 25.81 14.74
C ASP B 116 -1.73 25.42 13.58
N SER B 117 -1.27 24.50 12.73
CA SER B 117 -2.10 24.06 11.62
C SER B 117 -3.46 23.55 12.08
N LEU B 118 -3.52 22.96 13.28
CA LEU B 118 -4.78 22.48 13.82
C LEU B 118 -5.42 23.49 14.78
N GLY B 119 -4.83 24.67 14.94
CA GLY B 119 -5.37 25.65 15.87
C GLY B 119 -5.36 25.20 17.31
N LEU B 120 -4.38 24.38 17.71
CA LEU B 120 -4.31 23.78 19.03
C LEU B 120 -3.35 24.53 19.94
N ARG B 121 -3.74 24.71 21.20
CA ARG B 121 -2.87 25.20 22.26
C ARG B 121 -2.84 24.16 23.39
N LEU B 122 -2.07 24.45 24.43
CA LEU B 122 -1.94 23.54 25.56
C LEU B 122 -3.30 23.21 26.17
N ASN B 123 -3.50 21.93 26.48
CA ASN B 123 -4.70 21.35 27.08
C ASN B 123 -5.90 21.29 26.13
N ASP B 124 -5.69 21.55 24.84
CA ASP B 124 -6.77 21.44 23.88
C ASP B 124 -6.96 19.97 23.47
N SER B 125 -8.18 19.67 23.04
CA SER B 125 -8.52 18.34 22.56
C SER B 125 -8.12 18.20 21.10
N VAL B 126 -7.68 17.00 20.74
CA VAL B 126 -7.34 16.66 19.35
C VAL B 126 -7.63 15.18 19.16
N THR B 127 -8.18 14.83 18.00
CA THR B 127 -8.60 13.47 17.71
C THR B 127 -7.60 12.80 16.78
N LEU B 128 -7.13 11.61 17.17
CA LEU B 128 -6.24 10.82 16.34
C LEU B 128 -7.06 9.88 15.48
N VAL B 129 -6.74 9.81 14.19
CA VAL B 129 -7.46 8.96 13.27
C VAL B 129 -6.47 7.93 12.75
N LEU B 130 -6.79 6.65 12.94
CA LEU B 130 -6.00 5.52 12.50
C LEU B 130 -6.79 4.60 11.59
N PRO B 131 -6.10 3.82 10.72
CA PRO B 131 -6.80 2.89 9.84
C PRO B 131 -7.28 1.65 10.59
N PRO B 142 -12.22 4.08 9.42
CA PRO B 142 -11.35 4.89 10.28
C PRO B 142 -11.64 4.66 11.76
N ARG B 143 -10.59 4.59 12.57
CA ARG B 143 -10.68 4.51 14.03
C ARG B 143 -10.29 5.86 14.64
N PHE B 144 -11.09 6.34 15.60
CA PHE B 144 -10.87 7.65 16.22
C PHE B 144 -10.65 7.52 17.72
N LYS B 145 -9.71 8.30 18.26
CA LYS B 145 -9.43 8.38 19.69
C LYS B 145 -9.02 9.81 20.02
N ARG B 146 -9.68 10.43 20.99
CA ARG B 146 -9.35 11.80 21.34
C ARG B 146 -8.22 11.86 22.37
N PHE B 147 -7.34 12.83 22.17
CA PHE B 147 -6.18 13.11 23.00
C PHE B 147 -6.28 14.52 23.56
N LYS B 148 -5.47 14.79 24.57
CA LYS B 148 -5.33 16.11 25.16
C LYS B 148 -3.89 16.57 24.94
N VAL B 149 -3.73 17.79 24.44
CA VAL B 149 -2.38 18.33 24.20
C VAL B 149 -1.74 18.65 25.55
N VAL B 150 -0.68 17.93 25.91
CA VAL B 150 0.02 18.12 27.17
C VAL B 150 1.43 18.65 26.97
N GLY B 151 1.86 18.85 25.73
CA GLY B 151 3.18 19.37 25.44
C GLY B 151 3.33 19.86 24.02
N ILE B 152 4.19 20.84 23.80
CA ILE B 152 4.50 21.38 22.48
C ILE B 152 5.99 21.63 22.42
N PHE B 153 6.64 21.16 21.35
CA PHE B 153 8.07 21.30 21.16
C PHE B 153 8.35 22.13 19.92
N SER B 154 9.60 22.62 19.82
CA SER B 154 10.06 23.40 18.66
C SER B 154 11.51 23.02 18.36
N VAL B 155 11.72 22.23 17.31
CA VAL B 155 13.04 21.77 16.92
C VAL B 155 13.45 22.31 15.55
N GLY B 156 12.80 21.80 14.50
CA GLY B 156 13.12 22.19 13.13
C GLY B 156 11.88 22.09 12.27
N ALA B 157 11.97 22.73 11.09
CA ALA B 157 10.78 22.93 10.25
C ALA B 157 10.10 21.60 9.90
N GLU B 158 10.88 20.57 9.57
CA GLU B 158 10.25 19.33 9.12
C GLU B 158 9.57 18.61 10.27
N VAL B 159 10.31 18.33 11.34
CA VAL B 159 9.79 17.48 12.41
C VAL B 159 8.66 18.16 13.17
N ASP B 160 8.70 19.49 13.28
CA ASP B 160 7.67 20.23 13.98
C ASP B 160 6.30 20.07 13.32
N SER B 161 6.26 19.67 12.06
CA SER B 161 5.02 19.54 11.31
C SER B 161 4.65 18.08 11.01
N MET B 162 5.39 17.12 11.53
CA MET B 162 5.16 15.74 11.13
C MET B 162 5.03 14.72 12.24
N VAL B 163 5.56 14.97 13.44
CA VAL B 163 5.65 13.91 14.43
C VAL B 163 5.03 14.35 15.75
N GLY B 164 4.49 13.37 16.46
CA GLY B 164 3.99 13.57 17.80
C GLY B 164 4.37 12.39 18.67
N TYR B 165 4.23 12.58 19.96
CA TYR B 165 4.60 11.58 20.95
C TYR B 165 3.44 11.39 21.91
N ILE B 166 3.18 10.13 22.26
CA ILE B 166 2.19 9.75 23.24
C ILE B 166 2.83 8.74 24.17
N ALA B 167 2.11 8.40 25.23
CA ALA B 167 2.63 7.43 26.19
C ALA B 167 2.74 6.07 25.54
N LEU B 168 3.85 5.39 25.83
CA LEU B 168 4.14 4.08 25.25
C LEU B 168 2.92 3.15 25.34
N TYR B 169 2.33 3.03 26.52
CA TYR B 169 1.25 2.06 26.67
C TYR B 169 -0.08 2.57 26.15
N ASP B 170 -0.22 3.88 25.89
CA ASP B 170 -1.39 4.33 25.13
C ASP B 170 -1.27 3.89 23.67
N ALA B 171 -0.05 3.87 23.15
CA ALA B 171 0.15 3.39 21.78
C ALA B 171 -0.27 1.93 21.66
N SER B 172 0.19 1.07 22.57
CA SER B 172 -0.23 -0.32 22.52
C SER B 172 -1.72 -0.47 22.82
N THR B 173 -2.30 0.41 23.64
CA THR B 173 -3.74 0.31 23.89
C THR B 173 -4.52 0.62 22.62
N LEU B 174 -4.07 1.63 21.86
CA LEU B 174 -4.73 1.95 20.59
C LEU B 174 -4.71 0.76 19.64
N LEU B 175 -3.66 -0.06 19.72
CA LEU B 175 -3.50 -1.24 18.90
C LEU B 175 -4.23 -2.46 19.45
N ARG B 176 -5.01 -2.29 20.53
CA ARG B 176 -5.67 -3.39 21.23
C ARG B 176 -4.67 -4.45 21.69
N LEU B 177 -3.53 -4.00 22.20
CA LEU B 177 -2.47 -4.92 22.58
C LEU B 177 -2.21 -4.84 24.07
N PRO B 178 -1.57 -5.85 24.65
CA PRO B 178 -1.08 -5.70 26.02
C PRO B 178 0.06 -4.69 26.08
N ASP B 179 0.33 -4.21 27.28
CA ASP B 179 1.37 -3.21 27.49
C ASP B 179 2.72 -3.72 26.99
N GLY B 180 3.32 -3.00 26.05
CA GLY B 180 4.61 -3.39 25.54
C GLY B 180 5.10 -2.38 24.54
N ALA B 181 6.20 -2.72 23.88
CA ALA B 181 6.85 -1.82 22.94
C ALA B 181 7.09 -2.56 21.65
N GLN B 182 7.10 -1.80 20.55
CA GLN B 182 7.45 -2.34 19.25
C GLN B 182 8.93 -2.67 19.17
N GLY B 183 9.77 -1.91 19.87
CA GLY B 183 11.21 -2.16 19.84
C GLY B 183 11.92 -1.15 20.71
N VAL B 184 13.25 -1.14 20.62
CA VAL B 184 14.05 -0.18 21.36
C VAL B 184 14.90 0.62 20.37
N ARG B 185 15.00 1.90 20.63
CA ARG B 185 15.81 2.82 19.84
C ARG B 185 17.17 2.96 20.50
N LEU B 186 18.21 2.95 19.67
CA LEU B 186 19.58 3.06 20.16
C LEU B 186 20.18 4.39 19.75
N LYS B 187 20.92 4.97 20.67
CA LYS B 187 21.80 6.09 20.37
C LYS B 187 23.22 5.58 20.53
N LEU B 188 24.09 5.97 19.60
CA LEU B 188 25.44 5.43 19.54
C LEU B 188 26.45 6.57 19.59
N ASP B 189 27.70 6.21 19.92
CA ASP B 189 28.77 7.18 19.86
C ASP B 189 29.19 7.48 18.42
N ASP B 190 28.90 6.57 17.49
CA ASP B 190 29.27 6.73 16.09
C ASP B 190 28.10 6.24 15.24
N ILE B 191 27.40 7.18 14.58
CA ILE B 191 26.24 6.80 13.79
C ILE B 191 26.64 5.88 12.64
N PHE B 192 27.89 5.97 12.18
CA PHE B 192 28.31 5.09 11.09
C PHE B 192 28.54 3.66 11.55
N ALA B 193 28.50 3.39 12.85
CA ALA B 193 28.50 2.03 13.37
C ALA B 193 27.09 1.44 13.50
N ALA B 194 26.05 2.23 13.22
CA ALA B 194 24.67 1.78 13.45
C ALA B 194 24.31 0.52 12.67
N PRO B 195 24.58 0.41 11.37
CA PRO B 195 24.23 -0.85 10.68
C PRO B 195 24.89 -2.05 11.34
N GLN B 196 26.18 -1.97 11.63
CA GLN B 196 26.88 -3.12 12.22
C GLN B 196 26.34 -3.43 13.61
N VAL B 197 26.15 -2.40 14.43
CA VAL B 197 25.75 -2.63 15.83
C VAL B 197 24.37 -3.27 15.89
N ALA B 198 23.41 -2.73 15.15
CA ALA B 198 22.06 -3.30 15.23
C ALA B 198 22.03 -4.72 14.67
N ASP B 199 22.74 -4.97 13.56
CA ASP B 199 22.76 -6.32 12.99
C ASP B 199 23.43 -7.32 13.94
N ASP B 200 24.48 -6.89 14.63
CA ASP B 200 25.17 -7.76 15.56
C ASP B 200 24.27 -8.15 16.74
N ILE B 201 23.48 -7.20 17.24
CA ILE B 201 22.56 -7.46 18.35
C ILE B 201 21.49 -8.46 17.93
N VAL B 202 20.91 -8.25 16.74
CA VAL B 202 19.81 -9.06 16.27
C VAL B 202 20.25 -10.47 15.86
N LYS B 203 21.55 -10.66 15.56
CA LYS B 203 22.02 -11.94 15.03
C LYS B 203 21.65 -13.12 15.93
N ASN B 204 21.72 -12.96 17.25
CA ASN B 204 21.40 -14.05 18.16
C ASN B 204 20.02 -13.94 18.80
N LEU B 205 19.11 -13.16 18.20
CA LEU B 205 17.76 -13.06 18.74
C LEU B 205 16.82 -13.94 17.92
N PRO B 206 15.68 -14.35 18.49
CA PRO B 206 14.74 -15.18 17.74
C PRO B 206 14.14 -14.42 16.57
N SER B 207 13.47 -15.17 15.70
CA SER B 207 13.14 -14.65 14.37
C SER B 207 12.19 -13.46 14.41
N ASN B 208 11.50 -13.20 15.53
CA ASN B 208 10.61 -12.05 15.55
C ASN B 208 11.36 -10.73 15.59
N PHE B 209 12.65 -10.76 15.92
CA PHE B 209 13.42 -9.53 16.01
C PHE B 209 14.05 -9.22 14.65
N TYR B 210 14.18 -7.92 14.37
CA TYR B 210 14.86 -7.45 13.18
C TYR B 210 15.49 -6.09 13.46
N ALA B 211 16.49 -5.76 12.67
CA ALA B 211 17.23 -4.51 12.83
C ALA B 211 16.83 -3.48 11.79
N THR B 212 16.82 -2.21 12.20
CA THR B 212 16.74 -1.06 11.31
C THR B 212 17.86 -0.10 11.68
N ASN B 213 18.25 0.73 10.71
CA ASN B 213 19.20 1.80 10.98
C ASN B 213 18.93 2.96 10.03
N TRP B 214 19.58 4.09 10.33
CA TRP B 214 19.27 5.35 9.65
C TRP B 214 19.65 5.34 8.18
N THR B 215 20.47 4.41 7.74
CA THR B 215 20.84 4.31 6.34
C THR B 215 19.75 3.70 5.46
N TYR B 216 18.61 3.32 6.05
CA TYR B 216 17.43 2.88 5.31
C TYR B 216 16.61 4.11 4.93
N THR B 217 16.45 4.37 3.64
CA THR B 217 15.71 5.55 3.20
C THR B 217 14.35 5.18 2.63
N ASN B 220 10.46 6.43 -1.89
CA ASN B 220 10.62 7.25 -3.09
C ASN B 220 10.65 6.37 -4.35
N LEU B 221 9.73 5.41 -4.44
CA LEU B 221 9.65 4.57 -5.62
C LEU B 221 8.86 5.27 -6.72
N PHE B 222 9.27 5.03 -7.96
CA PHE B 222 8.65 5.68 -9.11
C PHE B 222 7.56 4.80 -9.73
N ASP C 13 -38.69 -9.97 -1.54
CA ASP C 13 -38.89 -8.53 -1.68
C ASP C 13 -38.07 -7.98 -2.85
N ARG C 14 -38.76 -7.65 -3.95
CA ARG C 14 -38.11 -7.12 -5.14
C ARG C 14 -37.53 -5.74 -4.91
N GLU C 15 -38.05 -4.98 -3.94
CA GLU C 15 -37.49 -3.66 -3.65
C GLU C 15 -36.10 -3.79 -3.06
N LEU C 16 -35.88 -4.79 -2.20
CA LEU C 16 -34.53 -5.02 -1.68
C LEU C 16 -33.56 -5.37 -2.81
N LYS C 17 -33.96 -6.29 -3.69
CA LYS C 17 -33.08 -6.69 -4.79
C LYS C 17 -32.77 -5.51 -5.71
N ASN C 18 -33.80 -4.71 -6.02
CA ASN C 18 -33.58 -3.55 -6.89
C ASN C 18 -32.74 -2.49 -6.19
N ARG C 19 -32.82 -2.40 -4.86
CA ARG C 19 -31.96 -1.47 -4.13
C ARG C 19 -30.52 -1.95 -4.12
N VAL C 20 -30.32 -3.24 -3.84
CA VAL C 20 -28.95 -3.77 -3.79
C VAL C 20 -28.32 -3.76 -5.18
N LEU C 21 -29.01 -4.33 -6.16
CA LEU C 21 -28.44 -4.42 -7.49
C LEU C 21 -28.26 -3.05 -8.14
N GLY C 22 -29.17 -2.11 -7.86
CA GLY C 22 -29.09 -0.78 -8.45
C GLY C 22 -27.87 0.02 -8.01
N MET C 23 -27.25 -0.36 -6.88
CA MET C 23 -26.12 0.33 -6.32
C MET C 23 -24.78 -0.33 -6.64
N VAL C 24 -24.79 -1.48 -7.30
CA VAL C 24 -23.55 -2.20 -7.63
C VAL C 24 -23.06 -1.68 -8.97
N PRO C 25 -21.82 -1.19 -9.07
CA PRO C 25 -21.24 -0.90 -10.39
C PRO C 25 -20.95 -2.20 -11.13
N GLN C 26 -21.72 -2.49 -12.18
CA GLN C 26 -21.61 -3.80 -12.81
C GLN C 26 -20.28 -3.97 -13.54
N ALA C 27 -19.86 -2.94 -14.27
CA ALA C 27 -18.57 -2.94 -14.95
C ALA C 27 -18.17 -1.50 -15.21
N THR C 28 -16.86 -1.26 -15.30
CA THR C 28 -16.33 0.02 -15.75
C THR C 28 -15.26 -0.22 -16.80
N VAL C 29 -15.11 0.76 -17.68
CA VAL C 29 -13.94 0.87 -18.54
C VAL C 29 -13.21 2.13 -18.07
N SER C 30 -12.10 1.94 -17.38
CA SER C 30 -11.41 3.00 -16.69
C SER C 30 -10.05 3.26 -17.34
N SER C 31 -9.43 4.36 -16.94
CA SER C 31 -8.18 4.77 -17.54
C SER C 31 -7.23 5.24 -16.44
N THR C 32 -5.95 4.97 -16.65
CA THR C 32 -4.89 5.53 -15.81
C THR C 32 -4.57 6.97 -16.18
N GLN C 33 -5.15 7.47 -17.27
CA GLN C 33 -5.05 8.86 -17.67
C GLN C 33 -6.44 9.47 -17.71
N ILE C 34 -6.56 10.70 -17.21
CA ILE C 34 -7.85 11.38 -17.23
C ILE C 34 -8.37 11.43 -18.66
N LEU C 35 -9.65 11.17 -18.83
CA LEU C 35 -10.26 11.07 -20.16
C LEU C 35 -10.98 12.37 -20.44
N THR C 36 -10.32 13.28 -21.15
CA THR C 36 -10.96 14.50 -21.63
C THR C 36 -11.86 14.25 -22.82
N ASP C 37 -11.76 13.07 -23.43
CA ASP C 37 -12.55 12.67 -24.58
C ASP C 37 -13.63 11.65 -24.21
N TRP C 38 -14.00 11.60 -22.93
CA TRP C 38 -14.88 10.53 -22.45
C TRP C 38 -16.22 10.42 -23.20
N PRO C 39 -16.85 11.47 -23.71
CA PRO C 39 -18.13 11.25 -24.40
C PRO C 39 -18.02 10.39 -25.65
N GLU C 40 -16.88 10.43 -26.35
CA GLU C 40 -16.72 9.52 -27.49
C GLU C 40 -16.58 8.09 -27.01
N LEU C 41 -15.97 7.90 -25.84
CA LEU C 41 -15.92 6.57 -25.24
C LEU C 41 -17.33 6.08 -24.92
N VAL C 42 -18.21 6.99 -24.48
CA VAL C 42 -19.59 6.60 -24.18
C VAL C 42 -20.27 6.10 -25.45
N LYS C 43 -20.25 6.93 -26.50
CA LYS C 43 -20.87 6.53 -27.75
C LYS C 43 -20.23 5.27 -28.31
N ARG C 44 -18.92 5.11 -28.11
CA ARG C 44 -18.24 3.92 -28.60
C ARG C 44 -18.61 2.67 -27.83
N VAL C 45 -19.05 2.80 -26.58
CA VAL C 45 -19.34 1.65 -25.74
C VAL C 45 -20.84 1.36 -25.65
N GLU C 46 -21.70 2.37 -25.81
CA GLU C 46 -23.12 2.19 -25.51
C GLU C 46 -23.79 1.16 -26.42
N ASN C 47 -23.32 1.00 -27.65
CA ASN C 47 -23.93 0.04 -28.56
C ASN C 47 -23.28 -1.33 -28.51
N HIS C 48 -22.29 -1.52 -27.65
CA HIS C 48 -21.74 -2.85 -27.49
C HIS C 48 -22.83 -3.79 -26.98
N PRO C 49 -22.88 -5.03 -27.46
CA PRO C 49 -23.94 -5.94 -27.01
C PRO C 49 -23.92 -6.09 -25.49
N HIS C 50 -25.14 -6.18 -24.93
CA HIS C 50 -25.49 -6.28 -23.51
C HIS C 50 -25.48 -4.95 -22.79
N VAL C 51 -24.98 -3.86 -23.38
CA VAL C 51 -24.87 -2.58 -22.69
C VAL C 51 -26.20 -1.82 -22.78
N THR C 52 -26.76 -1.48 -21.61
CA THR C 52 -28.02 -0.74 -21.52
C THR C 52 -27.85 0.63 -20.89
N GLY C 53 -26.65 0.97 -20.43
CA GLY C 53 -26.39 2.27 -19.85
C GLY C 53 -24.91 2.53 -19.67
N VAL C 54 -24.49 3.77 -19.90
CA VAL C 54 -23.10 4.19 -19.76
C VAL C 54 -23.08 5.58 -19.13
N ALA C 55 -22.16 5.79 -18.20
CA ALA C 55 -22.02 7.10 -17.59
C ALA C 55 -20.58 7.34 -17.19
N PRO C 56 -20.08 8.57 -17.32
CA PRO C 56 -18.73 8.86 -16.84
C PRO C 56 -18.69 8.90 -15.31
N PHE C 57 -17.48 8.70 -14.78
CA PHE C 57 -17.30 8.75 -13.33
C PHE C 57 -15.85 9.08 -13.01
N THR C 58 -15.66 9.63 -11.82
CA THR C 58 -14.35 9.79 -11.21
C THR C 58 -14.49 9.49 -9.73
N GLN C 59 -13.69 8.56 -9.23
CA GLN C 59 -13.84 8.00 -7.90
C GLN C 59 -12.80 8.62 -6.96
N LEU C 60 -13.27 9.22 -5.86
CA LEU C 60 -12.39 9.83 -4.87
C LEU C 60 -12.64 9.20 -3.51
N GLN C 61 -11.57 9.08 -2.73
CA GLN C 61 -11.66 8.59 -1.36
C GLN C 61 -11.12 9.68 -0.44
N GLY C 62 -11.90 10.00 0.60
CA GLY C 62 -11.46 10.99 1.55
C GLY C 62 -12.32 10.99 2.79
N MET C 63 -12.38 12.14 3.46
CA MET C 63 -13.21 12.31 4.63
C MET C 63 -14.02 13.58 4.50
N LEU C 64 -15.16 13.60 5.16
CA LEU C 64 -15.97 14.80 5.33
C LEU C 64 -15.78 15.34 6.75
N THR C 65 -15.81 16.67 6.85
CA THR C 65 -15.77 17.32 8.15
C THR C 65 -16.84 18.41 8.16
N ALA C 66 -17.58 18.47 9.26
CA ALA C 66 -18.56 19.52 9.51
C ALA C 66 -18.88 19.48 10.99
N GLN C 67 -18.94 20.66 11.62
CA GLN C 67 -19.42 20.80 13.02
C GLN C 67 -18.67 19.91 14.00
N GLY C 68 -17.34 19.82 13.81
CA GLY C 68 -16.52 19.05 14.71
C GLY C 68 -16.52 17.55 14.46
N GLN C 69 -17.37 17.06 13.57
CA GLN C 69 -17.47 15.65 13.27
C GLN C 69 -16.62 15.33 12.04
N VAL C 70 -16.23 14.06 11.92
CA VAL C 70 -15.44 13.55 10.80
C VAL C 70 -16.03 12.21 10.34
N ALA C 71 -16.16 12.01 9.03
CA ALA C 71 -16.63 10.73 8.50
C ALA C 71 -15.89 10.39 7.21
N GLY C 72 -15.54 9.10 7.08
CA GLY C 72 -14.99 8.61 5.83
C GLY C 72 -16.05 8.59 4.74
N ILE C 73 -15.62 8.78 3.50
CA ILE C 73 -16.58 8.85 2.40
C ILE C 73 -15.89 8.44 1.12
N MET C 74 -16.65 7.78 0.23
CA MET C 74 -16.26 7.51 -1.14
C MET C 74 -17.09 8.40 -2.04
N VAL C 75 -16.42 9.31 -2.74
CA VAL C 75 -17.07 10.34 -3.53
C VAL C 75 -16.94 9.98 -4.98
N THR C 76 -18.05 10.08 -5.72
CA THR C 76 -18.05 9.84 -7.15
C THR C 76 -18.44 11.12 -7.88
N GLY C 77 -17.58 11.57 -8.78
CA GLY C 77 -17.96 12.64 -9.69
C GLY C 77 -18.84 12.06 -10.79
N ILE C 78 -19.96 12.73 -11.06
CA ILE C 78 -20.95 12.24 -12.02
C ILE C 78 -21.49 13.40 -12.86
N ASP C 79 -22.06 13.02 -14.00
CA ASP C 79 -22.87 13.92 -14.81
C ASP C 79 -24.31 13.44 -14.68
N PRO C 80 -25.16 14.18 -13.96
CA PRO C 80 -26.49 13.64 -13.62
C PRO C 80 -27.32 13.22 -14.83
N LYS C 81 -27.17 13.90 -15.96
CA LYS C 81 -27.91 13.54 -17.16
C LYS C 81 -27.57 12.12 -17.62
N TYR C 82 -26.32 11.70 -17.45
CA TYR C 82 -25.93 10.34 -17.80
C TYR C 82 -26.17 9.35 -16.66
N GLU C 83 -25.95 9.78 -15.41
CA GLU C 83 -25.97 8.87 -14.27
C GLU C 83 -27.31 8.18 -14.10
N LYS C 84 -28.40 8.81 -14.54
CA LYS C 84 -29.71 8.19 -14.40
C LYS C 84 -29.84 6.88 -15.17
N ASN C 85 -29.02 6.69 -16.21
CA ASN C 85 -29.01 5.46 -16.99
C ASN C 85 -28.31 4.30 -16.29
N VAL C 86 -27.49 4.57 -15.27
CA VAL C 86 -26.76 3.51 -14.57
C VAL C 86 -27.12 3.42 -13.09
N SER C 87 -27.78 4.41 -12.55
CA SER C 87 -27.96 4.52 -11.11
C SER C 87 -29.44 4.49 -10.77
N ILE C 88 -29.73 4.27 -9.50
CA ILE C 88 -31.06 4.45 -8.94
C ILE C 88 -31.08 5.54 -7.89
N ILE C 89 -29.95 6.23 -7.68
CA ILE C 89 -29.88 7.28 -6.67
C ILE C 89 -30.89 8.38 -6.98
N GLN C 90 -31.14 8.65 -8.25
CA GLN C 90 -32.14 9.66 -8.62
C GLN C 90 -33.55 9.27 -8.19
N ASN C 91 -33.81 7.98 -7.96
CA ASN C 91 -35.13 7.52 -7.51
C ASN C 91 -35.32 7.63 -6.00
N HIS C 92 -34.27 7.98 -5.25
CA HIS C 92 -34.37 7.99 -3.80
C HIS C 92 -33.87 9.32 -3.23
N ILE C 93 -34.07 10.41 -3.96
CA ILE C 93 -33.70 11.74 -3.47
C ILE C 93 -34.76 12.20 -2.47
N VAL C 94 -34.32 12.49 -1.24
CA VAL C 94 -35.22 12.90 -0.17
C VAL C 94 -35.21 14.41 -0.04
N ALA C 95 -34.10 15.06 -0.42
CA ALA C 95 -34.03 16.51 -0.35
C ALA C 95 -33.14 17.04 -1.48
N GLY C 96 -33.49 18.22 -1.99
CA GLY C 96 -32.69 18.82 -3.02
C GLY C 96 -32.81 18.10 -4.35
N SER C 97 -31.72 18.13 -5.12
CA SER C 97 -31.74 17.56 -6.46
C SER C 97 -30.31 17.30 -6.95
N LEU C 98 -30.17 16.19 -7.69
CA LEU C 98 -28.92 15.87 -8.37
C LEU C 98 -28.64 16.88 -9.49
N ASP C 99 -29.68 17.50 -10.06
CA ASP C 99 -29.50 18.48 -11.11
C ASP C 99 -28.74 19.72 -10.65
N SER C 100 -28.58 19.92 -9.35
CA SER C 100 -27.76 21.00 -8.83
C SER C 100 -26.28 20.68 -8.87
N LEU C 101 -25.88 19.48 -9.29
CA LEU C 101 -24.46 19.16 -9.42
C LEU C 101 -23.98 19.72 -10.74
N LYS C 102 -23.40 20.92 -10.70
CA LYS C 102 -22.88 21.58 -11.88
C LYS C 102 -21.44 21.99 -11.62
N LYS C 103 -20.67 22.07 -12.71
CA LYS C 103 -19.27 22.40 -12.63
C LYS C 103 -19.05 23.76 -11.95
N GLY C 104 -18.10 23.80 -11.02
CA GLY C 104 -17.71 25.05 -10.42
C GLY C 104 -18.60 25.52 -9.30
N GLU C 105 -19.74 24.88 -9.08
CA GLU C 105 -20.62 25.24 -7.99
C GLU C 105 -20.36 24.45 -6.73
N PHE C 106 -19.66 23.31 -6.85
CA PHE C 106 -19.21 22.51 -5.71
C PHE C 106 -20.34 22.15 -4.76
N GLY C 107 -21.42 21.65 -5.34
CA GLY C 107 -22.44 20.99 -4.56
C GLY C 107 -22.08 19.55 -4.31
N ILE C 108 -22.72 18.97 -3.29
CA ILE C 108 -22.53 17.56 -2.98
C ILE C 108 -23.89 16.98 -2.62
N VAL C 109 -24.10 15.74 -3.02
CA VAL C 109 -25.28 14.96 -2.69
C VAL C 109 -24.84 13.86 -1.75
N LEU C 110 -25.44 13.83 -0.55
CA LEU C 110 -25.05 12.94 0.53
C LEU C 110 -26.18 11.97 0.85
N GLY C 111 -25.81 10.85 1.45
CA GLY C 111 -26.79 9.95 2.00
C GLY C 111 -27.32 10.46 3.33
N LYS C 112 -28.56 10.08 3.63
CA LYS C 112 -29.25 10.61 4.81
C LYS C 112 -28.46 10.33 6.08
N ASP C 113 -27.93 9.11 6.23
CA ASP C 113 -27.21 8.76 7.46
C ASP C 113 -25.96 9.61 7.62
N MET C 114 -25.21 9.79 6.54
CA MET C 114 -24.02 10.62 6.60
C MET C 114 -24.38 12.03 7.03
N ALA C 115 -25.46 12.57 6.47
CA ALA C 115 -25.87 13.93 6.78
C ALA C 115 -26.27 14.07 8.24
N ASP C 116 -26.98 13.07 8.77
CA ASP C 116 -27.40 13.11 10.17
C ASP C 116 -26.19 13.05 11.11
N SER C 117 -25.18 12.27 10.75
CA SER C 117 -24.00 12.17 11.61
C SER C 117 -23.22 13.48 11.69
N LEU C 118 -23.28 14.30 10.65
CA LEU C 118 -22.59 15.59 10.66
C LEU C 118 -23.54 16.74 10.97
N GLY C 119 -24.78 16.44 11.32
CA GLY C 119 -25.75 17.49 11.57
C GLY C 119 -26.02 18.36 10.38
N LEU C 120 -25.96 17.80 9.18
CA LEU C 120 -26.07 18.59 7.96
C LEU C 120 -27.49 18.55 7.43
N ARG C 121 -27.97 19.70 6.95
CA ARG C 121 -29.22 19.83 6.23
C ARG C 121 -28.92 20.40 4.85
N LEU C 122 -29.98 20.54 4.05
CA LEU C 122 -29.86 21.10 2.72
C LEU C 122 -29.25 22.49 2.78
N ASN C 123 -28.32 22.78 1.87
CA ASN C 123 -27.61 24.06 1.74
C ASN C 123 -26.61 24.33 2.87
N ASP C 124 -26.39 23.37 3.77
CA ASP C 124 -25.34 23.52 4.76
C ASP C 124 -23.97 23.30 4.09
N SER C 125 -22.96 23.90 4.70
CA SER C 125 -21.60 23.73 4.25
C SER C 125 -21.01 22.43 4.83
N VAL C 126 -20.15 21.80 4.04
CA VAL C 126 -19.37 20.65 4.51
C VAL C 126 -18.05 20.63 3.74
N THR C 127 -16.97 20.26 4.44
CA THR C 127 -15.64 20.29 3.86
C THR C 127 -15.21 18.90 3.43
N LEU C 128 -14.79 18.79 2.17
CA LEU C 128 -14.24 17.55 1.65
C LEU C 128 -12.73 17.57 1.80
N VAL C 129 -12.17 16.49 2.34
CA VAL C 129 -10.74 16.38 2.60
C VAL C 129 -10.19 15.20 1.83
N LEU C 130 -9.15 15.44 1.02
CA LEU C 130 -8.54 14.33 0.30
C LEU C 130 -7.10 14.16 0.77
N PRO C 131 -6.75 12.97 1.28
CA PRO C 131 -5.38 12.69 1.73
C PRO C 131 -4.48 12.42 0.54
N GLU C 132 -3.50 13.29 0.30
CA GLU C 132 -2.56 13.10 -0.79
C GLU C 132 -1.23 12.60 -0.24
N ALA C 133 -0.72 11.52 -0.86
CA ALA C 133 0.50 10.89 -0.38
C ALA C 133 1.68 11.84 -0.45
N THR C 134 2.62 11.67 0.48
CA THR C 134 3.86 12.44 0.54
C THR C 134 4.95 11.53 1.10
N PRO C 135 6.20 11.71 0.66
CA PRO C 135 7.28 10.83 1.16
C PRO C 135 7.71 11.13 2.59
N SER C 136 7.28 12.26 3.16
CA SER C 136 7.66 12.62 4.52
C SER C 136 7.01 11.66 5.52
N PRO C 137 7.56 11.57 6.74
CA PRO C 137 6.91 10.77 7.78
C PRO C 137 5.47 11.16 8.07
N ALA C 138 5.04 12.37 7.69
CA ALA C 138 3.63 12.72 7.84
C ALA C 138 2.71 11.78 7.07
N GLY C 139 3.23 11.09 6.06
CA GLY C 139 2.42 10.15 5.30
C GLY C 139 1.47 10.78 4.32
N VAL C 140 0.65 11.72 4.77
CA VAL C 140 -0.31 12.40 3.91
C VAL C 140 -0.19 13.91 4.14
N VAL C 141 -0.61 14.67 3.13
CA VAL C 141 -0.84 16.10 3.26
C VAL C 141 -2.26 16.35 2.77
N PRO C 142 -3.16 16.84 3.62
CA PRO C 142 -4.56 16.98 3.21
C PRO C 142 -4.80 18.17 2.29
N ARG C 143 -5.65 17.95 1.30
CA ARG C 143 -6.21 18.98 0.45
C ARG C 143 -7.68 19.17 0.87
N PHE C 144 -8.10 20.43 1.03
CA PHE C 144 -9.41 20.79 1.55
C PHE C 144 -10.22 21.54 0.52
N LYS C 145 -11.52 21.27 0.46
CA LYS C 145 -12.40 22.07 -0.39
C LYS C 145 -13.78 22.15 0.24
N ARG C 146 -14.34 23.35 0.29
CA ARG C 146 -15.67 23.52 0.87
C ARG C 146 -16.74 23.18 -0.15
N PHE C 147 -17.74 22.42 0.30
CA PHE C 147 -18.84 22.02 -0.56
C PHE C 147 -20.14 22.46 0.09
N LYS C 148 -21.19 22.51 -0.72
CA LYS C 148 -22.53 22.83 -0.27
C LYS C 148 -23.44 21.63 -0.50
N VAL C 149 -24.22 21.26 0.50
CA VAL C 149 -25.14 20.14 0.34
C VAL C 149 -26.31 20.60 -0.53
N VAL C 150 -26.42 20.01 -1.71
CA VAL C 150 -27.48 20.34 -2.65
C VAL C 150 -28.44 19.19 -2.87
N GLY C 151 -28.21 18.06 -2.21
CA GLY C 151 -29.09 16.91 -2.33
C GLY C 151 -28.84 15.87 -1.25
N ILE C 152 -29.88 15.13 -0.88
CA ILE C 152 -29.77 14.05 0.10
C ILE C 152 -30.61 12.86 -0.39
N PHE C 153 -30.03 11.67 -0.37
CA PHE C 153 -30.71 10.46 -0.79
C PHE C 153 -30.86 9.48 0.38
N SER C 154 -31.76 8.52 0.20
CA SER C 154 -31.97 7.47 1.20
C SER C 154 -32.27 6.17 0.46
N VAL C 155 -31.30 5.25 0.43
CA VAL C 155 -31.44 3.98 -0.24
C VAL C 155 -31.33 2.86 0.78
N GLY C 156 -30.14 2.67 1.33
CA GLY C 156 -29.89 1.59 2.28
C GLY C 156 -28.82 1.96 3.28
N ALA C 157 -28.78 1.19 4.37
CA ALA C 157 -27.94 1.52 5.52
C ALA C 157 -26.47 1.67 5.14
N GLU C 158 -25.96 0.83 4.24
CA GLU C 158 -24.53 0.86 3.92
C GLU C 158 -24.17 2.10 3.10
N VAL C 159 -24.85 2.31 1.97
CA VAL C 159 -24.46 3.37 1.05
C VAL C 159 -24.79 4.75 1.62
N ASP C 160 -25.86 4.85 2.41
CA ASP C 160 -26.28 6.14 2.93
C ASP C 160 -25.24 6.76 3.84
N SER C 161 -24.33 5.96 4.39
CA SER C 161 -23.32 6.45 5.31
C SER C 161 -21.91 6.42 4.72
N MET C 162 -21.75 6.05 3.45
CA MET C 162 -20.42 5.90 2.87
C MET C 162 -20.21 6.59 1.54
N VAL C 163 -21.25 6.95 0.80
CA VAL C 163 -21.07 7.35 -0.59
C VAL C 163 -21.69 8.73 -0.80
N GLY C 164 -21.00 9.57 -1.57
CA GLY C 164 -21.51 10.88 -1.91
C GLY C 164 -21.23 11.18 -3.37
N TYR C 165 -21.93 12.20 -3.87
CA TYR C 165 -21.83 12.53 -5.29
C TYR C 165 -21.56 14.01 -5.47
N ILE C 166 -20.66 14.30 -6.41
CA ILE C 166 -20.32 15.65 -6.80
C ILE C 166 -20.30 15.73 -8.32
N ALA C 167 -20.16 16.94 -8.82
CA ALA C 167 -20.07 17.16 -10.26
C ALA C 167 -18.79 16.53 -10.81
N LEU C 168 -18.94 15.90 -11.98
CA LEU C 168 -17.80 15.26 -12.63
C LEU C 168 -16.57 16.16 -12.68
N TYR C 169 -16.75 17.37 -13.20
CA TYR C 169 -15.60 18.25 -13.40
C TYR C 169 -15.16 18.96 -12.12
N ASP C 170 -15.97 18.93 -11.05
CA ASP C 170 -15.44 19.34 -9.76
C ASP C 170 -14.48 18.29 -9.20
N ALA C 171 -14.76 17.01 -9.44
CA ALA C 171 -13.84 15.96 -9.01
C ALA C 171 -12.48 16.14 -9.68
N SER C 172 -12.45 16.33 -10.99
CA SER C 172 -11.17 16.48 -11.66
C SER C 172 -10.47 17.75 -11.21
N THR C 173 -11.22 18.80 -10.88
CA THR C 173 -10.59 20.02 -10.39
C THR C 173 -9.91 19.77 -9.05
N LEU C 174 -10.57 19.03 -8.15
CA LEU C 174 -9.94 18.65 -6.89
C LEU C 174 -8.66 17.88 -7.11
N LEU C 175 -8.60 17.10 -8.18
CA LEU C 175 -7.38 16.37 -8.49
C LEU C 175 -6.37 17.21 -9.23
N ARG C 176 -6.62 18.50 -9.38
CA ARG C 176 -5.72 19.39 -10.11
C ARG C 176 -5.50 18.88 -11.54
N LEU C 177 -6.56 18.41 -12.17
CA LEU C 177 -6.55 17.86 -13.51
C LEU C 177 -7.44 18.68 -14.43
N PRO C 178 -7.27 18.56 -15.74
CA PRO C 178 -8.22 19.17 -16.68
C PRO C 178 -9.56 18.46 -16.62
N ASP C 179 -10.57 19.13 -17.15
CA ASP C 179 -11.91 18.57 -17.16
C ASP C 179 -11.91 17.23 -17.88
N GLY C 180 -12.34 16.18 -17.18
CA GLY C 180 -12.40 14.87 -17.78
C GLY C 180 -12.93 13.85 -16.80
N ALA C 181 -12.83 12.57 -17.18
CA ALA C 181 -13.37 11.48 -16.37
C ALA C 181 -12.31 10.40 -16.18
N GLN C 182 -12.41 9.71 -15.04
CA GLN C 182 -11.54 8.55 -14.82
C GLN C 182 -11.96 7.37 -15.67
N GLY C 183 -13.26 7.27 -15.99
CA GLY C 183 -13.74 6.16 -16.78
C GLY C 183 -15.23 6.28 -17.00
N VAL C 184 -15.81 5.21 -17.55
CA VAL C 184 -17.24 5.11 -17.77
C VAL C 184 -17.75 3.86 -17.04
N ARG C 185 -18.93 3.98 -16.44
CA ARG C 185 -19.60 2.87 -15.76
C ARG C 185 -20.64 2.28 -16.69
N LEU C 186 -20.70 0.95 -16.74
CA LEU C 186 -21.63 0.26 -17.62
C LEU C 186 -22.78 -0.38 -16.85
N LYS C 187 -23.99 -0.25 -17.39
CA LYS C 187 -25.13 -1.03 -16.94
C LYS C 187 -25.53 -1.98 -18.07
N LEU C 188 -25.82 -3.22 -17.69
CA LEU C 188 -26.09 -4.26 -18.66
C LEU C 188 -27.44 -4.91 -18.35
N ASP C 189 -27.99 -5.58 -19.37
CA ASP C 189 -29.25 -6.30 -19.21
C ASP C 189 -29.07 -7.57 -18.38
N ASP C 190 -27.85 -8.11 -18.33
CA ASP C 190 -27.55 -9.30 -17.55
C ASP C 190 -26.22 -9.02 -16.84
N ILE C 191 -26.27 -8.88 -15.52
CA ILE C 191 -25.06 -8.55 -14.76
C ILE C 191 -24.00 -9.62 -14.90
N PHE C 192 -24.42 -10.86 -15.18
CA PHE C 192 -23.48 -11.96 -15.34
C PHE C 192 -22.72 -11.90 -16.66
N ALA C 193 -23.11 -11.00 -17.58
CA ALA C 193 -22.30 -10.72 -18.76
C ALA C 193 -21.25 -9.63 -18.52
N ALA C 194 -21.25 -9.00 -17.34
CA ALA C 194 -20.35 -7.88 -17.09
C ALA C 194 -18.87 -8.22 -17.22
N PRO C 195 -18.35 -9.32 -16.66
CA PRO C 195 -16.92 -9.60 -16.86
C PRO C 195 -16.53 -9.69 -18.33
N GLN C 196 -17.30 -10.45 -19.12
CA GLN C 196 -16.96 -10.65 -20.53
C GLN C 196 -17.05 -9.36 -21.33
N VAL C 197 -18.10 -8.56 -21.12
CA VAL C 197 -18.30 -7.37 -21.93
C VAL C 197 -17.18 -6.35 -21.69
N ALA C 198 -16.90 -6.06 -20.42
CA ALA C 198 -15.87 -5.06 -20.11
C ALA C 198 -14.49 -5.52 -20.58
N ASP C 199 -14.19 -6.82 -20.45
CA ASP C 199 -12.94 -7.34 -20.98
C ASP C 199 -12.89 -7.24 -22.51
N ASP C 200 -14.02 -7.49 -23.18
CA ASP C 200 -14.06 -7.38 -24.63
C ASP C 200 -13.83 -5.95 -25.10
N ILE C 201 -14.45 -4.98 -24.41
CA ILE C 201 -14.29 -3.59 -24.79
C ILE C 201 -12.84 -3.15 -24.62
N VAL C 202 -12.22 -3.52 -23.50
CA VAL C 202 -10.87 -3.05 -23.21
C VAL C 202 -9.86 -3.65 -24.17
N LYS C 203 -10.16 -4.84 -24.73
CA LYS C 203 -9.26 -5.49 -25.67
C LYS C 203 -8.99 -4.61 -26.90
N ASN C 204 -9.98 -3.84 -27.33
CA ASN C 204 -9.82 -2.97 -28.48
C ASN C 204 -9.49 -1.53 -28.09
N LEU C 205 -9.06 -1.31 -26.86
CA LEU C 205 -8.63 -0.02 -26.37
C LEU C 205 -7.13 0.01 -26.12
N PRO C 206 -6.51 1.20 -26.15
CA PRO C 206 -5.09 1.29 -25.82
C PRO C 206 -4.79 0.96 -24.35
N SER C 207 -3.49 0.81 -24.09
CA SER C 207 -2.99 0.20 -22.86
C SER C 207 -3.28 1.02 -21.61
N ASN C 208 -3.70 2.30 -21.74
CA ASN C 208 -4.08 3.08 -20.57
C ASN C 208 -5.42 2.64 -19.99
N PHE C 209 -6.20 1.87 -20.74
CA PHE C 209 -7.49 1.40 -20.27
C PHE C 209 -7.35 0.06 -19.56
N TYR C 210 -8.22 -0.15 -18.57
CA TYR C 210 -8.34 -1.44 -17.89
C TYR C 210 -9.82 -1.60 -17.52
N ALA C 211 -10.23 -2.84 -17.32
CA ALA C 211 -11.61 -3.16 -16.98
C ALA C 211 -11.76 -3.47 -15.50
N THR C 212 -12.92 -3.13 -14.94
CA THR C 212 -13.34 -3.63 -13.64
C THR C 212 -14.74 -4.21 -13.79
N ASN C 213 -15.12 -5.11 -12.90
CA ASN C 213 -16.49 -5.58 -12.86
C ASN C 213 -16.83 -6.04 -11.44
N TRP C 214 -18.14 -6.21 -11.19
CA TRP C 214 -18.64 -6.40 -9.83
C TRP C 214 -18.14 -7.68 -9.17
N THR C 215 -17.62 -8.64 -9.94
CA THR C 215 -17.08 -9.85 -9.31
C THR C 215 -15.71 -9.60 -8.66
N TYR C 216 -15.14 -8.41 -8.80
CA TYR C 216 -13.84 -8.14 -8.18
C TYR C 216 -14.07 -7.80 -6.72
N THR C 217 -13.61 -8.68 -5.83
CA THR C 217 -13.81 -8.51 -4.39
C THR C 217 -12.50 -8.20 -3.68
N ASP D 13 -28.42 -16.49 -20.34
CA ASP D 13 -27.67 -17.75 -20.34
C ASP D 13 -27.61 -18.31 -18.92
N ARG D 14 -28.33 -19.41 -18.68
CA ARG D 14 -28.34 -20.00 -17.35
C ARG D 14 -27.01 -20.66 -17.00
N GLU D 15 -26.28 -21.16 -18.01
CA GLU D 15 -24.96 -21.73 -17.74
C GLU D 15 -23.96 -20.64 -17.40
N LEU D 16 -24.00 -19.52 -18.13
CA LEU D 16 -23.12 -18.40 -17.84
C LEU D 16 -23.35 -17.88 -16.42
N LYS D 17 -24.61 -17.77 -16.02
CA LYS D 17 -24.92 -17.25 -14.69
C LYS D 17 -24.30 -18.11 -13.60
N ASN D 18 -24.41 -19.43 -13.72
CA ASN D 18 -23.88 -20.31 -12.69
C ASN D 18 -22.36 -20.30 -12.65
N ARG D 19 -21.71 -20.12 -13.79
CA ARG D 19 -20.25 -20.04 -13.79
C ARG D 19 -19.78 -18.76 -13.12
N VAL D 20 -20.38 -17.63 -13.47
CA VAL D 20 -20.00 -16.35 -12.88
C VAL D 20 -20.41 -16.31 -11.41
N LEU D 21 -21.69 -16.57 -11.13
CA LEU D 21 -22.17 -16.48 -9.75
C LEU D 21 -21.54 -17.54 -8.86
N GLY D 22 -21.21 -18.71 -9.40
CA GLY D 22 -20.60 -19.76 -8.61
C GLY D 22 -19.22 -19.43 -8.09
N MET D 23 -18.55 -18.47 -8.71
CA MET D 23 -17.19 -18.10 -8.35
C MET D 23 -17.11 -16.88 -7.44
N VAL D 24 -18.23 -16.23 -7.18
CA VAL D 24 -18.25 -15.01 -6.37
C VAL D 24 -18.40 -15.42 -4.90
N PRO D 25 -17.49 -15.02 -4.04
CA PRO D 25 -17.74 -15.20 -2.60
C PRO D 25 -18.86 -14.27 -2.17
N GLN D 26 -20.01 -14.87 -1.88
CA GLN D 26 -21.22 -14.08 -1.62
C GLN D 26 -21.12 -13.34 -0.30
N ALA D 27 -20.58 -14.01 0.72
CA ALA D 27 -20.33 -13.37 2.00
C ALA D 27 -19.28 -14.20 2.70
N THR D 28 -18.50 -13.53 3.54
CA THR D 28 -17.59 -14.24 4.42
C THR D 28 -17.76 -13.71 5.84
N VAL D 29 -17.47 -14.59 6.79
CA VAL D 29 -17.18 -14.22 8.16
C VAL D 29 -15.71 -14.55 8.39
N SER D 30 -14.89 -13.50 8.44
CA SER D 30 -13.44 -13.60 8.49
C SER D 30 -12.92 -13.11 9.84
N SER D 31 -11.63 -13.36 10.07
CA SER D 31 -10.98 -13.02 11.32
C SER D 31 -9.60 -12.44 11.05
N THR D 32 -9.20 -11.48 11.88
CA THR D 32 -7.82 -10.98 11.90
C THR D 32 -6.86 -11.91 12.62
N GLN D 33 -7.37 -12.93 13.32
CA GLN D 33 -6.56 -13.95 14.00
C GLN D 33 -6.89 -15.31 13.41
N ILE D 34 -5.85 -16.13 13.20
CA ILE D 34 -6.05 -17.44 12.61
C ILE D 34 -7.05 -18.23 13.46
N LEU D 35 -7.98 -18.90 12.79
CA LEU D 35 -9.05 -19.65 13.46
C LEU D 35 -8.67 -21.12 13.41
N THR D 36 -8.07 -21.62 14.50
CA THR D 36 -7.80 -23.03 14.66
C THR D 36 -9.04 -23.83 15.00
N ASP D 37 -10.14 -23.16 15.33
CA ASP D 37 -11.42 -23.78 15.70
C ASP D 37 -12.46 -23.71 14.58
N TRP D 38 -12.01 -23.50 13.34
CA TRP D 38 -12.93 -23.22 12.25
C TRP D 38 -14.03 -24.25 12.01
N PRO D 39 -13.83 -25.57 12.23
CA PRO D 39 -14.94 -26.50 11.95
C PRO D 39 -16.18 -26.25 12.80
N GLU D 40 -16.01 -25.77 14.03
CA GLU D 40 -17.18 -25.42 14.83
C GLU D 40 -17.82 -24.13 14.32
N LEU D 41 -17.01 -23.19 13.82
CA LEU D 41 -17.59 -22.00 13.21
C LEU D 41 -18.41 -22.36 11.98
N VAL D 42 -17.97 -23.38 11.23
CA VAL D 42 -18.71 -23.82 10.05
C VAL D 42 -20.09 -24.33 10.43
N LYS D 43 -20.16 -25.28 11.36
CA LYS D 43 -21.46 -25.83 11.77
C LYS D 43 -22.35 -24.75 12.38
N ARG D 44 -21.75 -23.84 13.15
CA ARG D 44 -22.53 -22.75 13.75
C ARG D 44 -23.04 -21.79 12.68
N VAL D 45 -22.24 -21.52 11.66
CA VAL D 45 -22.70 -20.59 10.64
C VAL D 45 -23.64 -21.27 9.65
N GLU D 46 -23.46 -22.58 9.40
CA GLU D 46 -24.25 -23.28 8.40
C GLU D 46 -25.71 -23.33 8.79
N ASN D 47 -26.01 -23.27 10.09
CA ASN D 47 -27.37 -23.40 10.58
C ASN D 47 -28.10 -22.06 10.61
N HIS D 48 -27.43 -20.97 10.27
CA HIS D 48 -28.09 -19.68 10.17
C HIS D 48 -29.11 -19.69 9.03
N PRO D 49 -30.25 -19.03 9.19
CA PRO D 49 -31.23 -18.96 8.09
C PRO D 49 -30.63 -18.38 6.82
N HIS D 50 -31.06 -18.91 5.68
CA HIS D 50 -30.68 -18.54 4.31
C HIS D 50 -29.31 -19.10 3.92
N VAL D 51 -28.53 -19.63 4.83
CA VAL D 51 -27.22 -20.16 4.54
C VAL D 51 -27.34 -21.62 4.11
N THR D 52 -26.87 -21.93 2.91
CA THR D 52 -26.96 -23.27 2.34
C THR D 52 -25.59 -23.95 2.20
N GLY D 53 -24.51 -23.27 2.51
CA GLY D 53 -23.20 -23.86 2.42
C GLY D 53 -22.16 -23.00 3.09
N VAL D 54 -21.20 -23.62 3.78
CA VAL D 54 -20.11 -22.92 4.46
C VAL D 54 -18.81 -23.69 4.26
N ALA D 55 -17.74 -22.96 4.00
CA ALA D 55 -16.43 -23.59 3.83
C ALA D 55 -15.34 -22.67 4.35
N PRO D 56 -14.29 -23.20 4.96
CA PRO D 56 -13.18 -22.37 5.41
C PRO D 56 -12.31 -21.93 4.22
N PHE D 57 -11.56 -20.84 4.44
CA PHE D 57 -10.68 -20.32 3.41
C PHE D 57 -9.57 -19.51 4.07
N THR D 58 -8.46 -19.42 3.34
CA THR D 58 -7.39 -18.48 3.66
C THR D 58 -6.91 -17.95 2.32
N GLN D 59 -6.95 -16.64 2.16
CA GLN D 59 -6.76 -16.01 0.87
C GLN D 59 -5.36 -15.41 0.82
N LEU D 60 -4.57 -15.82 -0.16
CA LEU D 60 -3.19 -15.36 -0.33
C LEU D 60 -3.03 -14.71 -1.68
N GLN D 61 -2.15 -13.72 -1.75
CA GLN D 61 -1.81 -13.07 -3.01
C GLN D 61 -0.33 -13.28 -3.23
N GLY D 62 0.04 -13.70 -4.44
CA GLY D 62 1.44 -13.85 -4.75
C GLY D 62 1.68 -14.03 -6.23
N MET D 63 2.79 -14.67 -6.57
CA MET D 63 3.14 -14.94 -7.94
C MET D 63 3.56 -16.40 -8.10
N LEU D 64 3.29 -16.94 -9.27
CA LEU D 64 3.77 -18.26 -9.65
C LEU D 64 4.91 -18.07 -10.62
N THR D 65 5.91 -18.94 -10.53
CA THR D 65 7.01 -18.88 -11.46
C THR D 65 7.41 -20.29 -11.86
N ALA D 66 7.73 -20.46 -13.14
CA ALA D 66 8.24 -21.73 -13.64
C ALA D 66 8.96 -21.47 -14.95
N GLN D 67 10.13 -22.08 -15.10
CA GLN D 67 10.86 -22.08 -16.38
C GLN D 67 11.06 -20.67 -16.90
N GLY D 68 11.36 -19.75 -15.99
CA GLY D 68 11.57 -18.36 -16.33
C GLY D 68 10.33 -17.50 -16.45
N GLN D 69 9.13 -18.08 -16.42
CA GLN D 69 7.90 -17.31 -16.50
C GLN D 69 7.35 -16.97 -15.12
N VAL D 70 6.61 -15.86 -15.03
CA VAL D 70 6.01 -15.40 -13.78
C VAL D 70 4.59 -14.91 -14.04
N ALA D 71 3.68 -15.20 -13.12
CA ALA D 71 2.30 -14.72 -13.24
C ALA D 71 1.74 -14.36 -11.86
N GLY D 72 0.98 -13.27 -11.81
CA GLY D 72 0.24 -12.96 -10.59
C GLY D 72 -0.89 -13.94 -10.36
N ILE D 73 -1.19 -14.20 -9.09
CA ILE D 73 -2.22 -15.17 -8.76
C ILE D 73 -2.79 -14.88 -7.39
N MET D 74 -4.08 -15.14 -7.22
CA MET D 74 -4.72 -15.16 -5.92
C MET D 74 -4.99 -16.61 -5.55
N VAL D 75 -4.37 -17.06 -4.46
CA VAL D 75 -4.44 -18.44 -4.01
C VAL D 75 -5.36 -18.50 -2.80
N THR D 76 -6.26 -19.45 -2.80
CA THR D 76 -7.16 -19.69 -1.69
C THR D 76 -6.82 -21.05 -1.10
N GLY D 77 -6.51 -21.08 0.19
CA GLY D 77 -6.40 -22.36 0.88
C GLY D 77 -7.79 -22.86 1.23
N ILE D 78 -8.05 -24.12 0.90
CA ILE D 78 -9.39 -24.70 1.02
C ILE D 78 -9.30 -26.11 1.58
N ASP D 79 -10.43 -26.59 2.08
CA ASP D 79 -10.67 -28.00 2.41
C ASP D 79 -11.66 -28.57 1.41
N PRO D 80 -11.23 -29.47 0.52
CA PRO D 80 -12.12 -29.93 -0.56
C PRO D 80 -13.44 -30.54 -0.07
N LYS D 81 -13.41 -31.22 1.08
CA LYS D 81 -14.65 -31.82 1.62
C LYS D 81 -15.70 -30.75 1.92
N TYR D 82 -15.26 -29.55 2.34
CA TYR D 82 -16.20 -28.46 2.53
C TYR D 82 -16.40 -27.63 1.27
N GLU D 83 -15.33 -27.47 0.47
CA GLU D 83 -15.36 -26.48 -0.60
C GLU D 83 -16.46 -26.75 -1.63
N LYS D 84 -16.85 -28.01 -1.83
CA LYS D 84 -17.91 -28.27 -2.79
C LYS D 84 -19.25 -27.68 -2.36
N ASN D 85 -19.46 -27.40 -1.07
CA ASN D 85 -20.74 -26.80 -0.65
C ASN D 85 -20.87 -25.33 -1.05
N VAL D 86 -19.79 -24.64 -1.42
CA VAL D 86 -19.88 -23.24 -1.76
C VAL D 86 -19.41 -22.92 -3.17
N SER D 87 -18.73 -23.85 -3.84
CA SER D 87 -18.03 -23.58 -5.07
C SER D 87 -18.58 -24.43 -6.20
N ILE D 88 -18.19 -24.08 -7.42
CA ILE D 88 -18.47 -24.90 -8.58
C ILE D 88 -17.20 -25.40 -9.23
N ILE D 89 -16.04 -25.12 -8.64
CA ILE D 89 -14.77 -25.53 -9.20
C ILE D 89 -14.68 -27.04 -9.33
N GLN D 90 -15.26 -27.78 -8.37
CA GLN D 90 -15.26 -29.24 -8.42
C GLN D 90 -16.06 -29.76 -9.61
N ASN D 91 -16.96 -28.96 -10.16
CA ASN D 91 -17.72 -29.37 -11.34
C ASN D 91 -16.95 -29.12 -12.63
N HIS D 92 -15.80 -28.44 -12.58
CA HIS D 92 -15.10 -28.07 -13.81
C HIS D 92 -13.64 -28.49 -13.78
N ILE D 93 -13.32 -29.58 -13.09
CA ILE D 93 -11.97 -30.13 -13.09
C ILE D 93 -11.73 -30.86 -14.40
N VAL D 94 -10.68 -30.44 -15.12
CA VAL D 94 -10.35 -31.01 -16.42
C VAL D 94 -9.25 -32.07 -16.28
N ALA D 95 -8.43 -31.95 -15.24
CA ALA D 95 -7.39 -32.93 -14.98
C ALA D 95 -7.12 -32.99 -13.49
N GLY D 96 -6.71 -34.17 -13.01
CA GLY D 96 -6.42 -34.29 -11.60
C GLY D 96 -7.68 -34.27 -10.75
N SER D 97 -7.53 -33.75 -9.53
CA SER D 97 -8.64 -33.75 -8.58
C SER D 97 -8.37 -32.75 -7.47
N LEU D 98 -9.44 -32.09 -7.01
CA LEU D 98 -9.34 -31.24 -5.83
C LEU D 98 -9.04 -32.06 -4.59
N ASP D 99 -9.44 -33.33 -4.58
CA ASP D 99 -9.21 -34.16 -3.40
C ASP D 99 -7.74 -34.45 -3.18
N SER D 100 -6.86 -34.11 -4.13
CA SER D 100 -5.44 -34.26 -3.92
C SER D 100 -4.85 -33.14 -3.06
N LEU D 101 -5.65 -32.15 -2.70
CA LEU D 101 -5.19 -31.07 -1.83
C LEU D 101 -5.29 -31.54 -0.38
N LYS D 102 -4.18 -32.06 0.14
CA LYS D 102 -4.08 -32.53 1.51
C LYS D 102 -2.90 -31.84 2.18
N LYS D 103 -2.98 -31.68 3.50
CA LYS D 103 -1.94 -30.99 4.24
C LYS D 103 -0.58 -31.67 4.05
N GLY D 104 0.44 -30.86 3.79
CA GLY D 104 1.79 -31.33 3.72
C GLY D 104 2.23 -31.86 2.38
N GLU D 105 1.32 -32.03 1.45
CA GLU D 105 1.71 -32.48 0.12
C GLU D 105 2.03 -31.32 -0.80
N PHE D 106 1.57 -30.12 -0.46
CA PHE D 106 1.85 -28.90 -1.22
C PHE D 106 1.45 -29.09 -2.68
N GLY D 107 0.26 -29.62 -2.86
CA GLY D 107 -0.36 -29.57 -4.15
C GLY D 107 -1.05 -28.25 -4.40
N ILE D 108 -1.28 -27.96 -5.67
CA ILE D 108 -1.99 -26.76 -6.09
C ILE D 108 -2.88 -27.11 -7.28
N VAL D 109 -4.05 -26.47 -7.35
CA VAL D 109 -4.97 -26.60 -8.47
C VAL D 109 -5.03 -25.26 -9.17
N LEU D 110 -4.79 -25.27 -10.49
CA LEU D 110 -4.66 -24.08 -11.33
C LEU D 110 -5.73 -24.06 -12.42
N GLY D 111 -5.99 -22.86 -12.94
CA GLY D 111 -6.83 -22.74 -14.13
C GLY D 111 -6.08 -23.12 -15.40
N LYS D 112 -6.84 -23.59 -16.39
CA LYS D 112 -6.24 -24.10 -17.62
C LYS D 112 -5.37 -23.05 -18.31
N ASP D 113 -5.85 -21.80 -18.35
CA ASP D 113 -5.08 -20.75 -19.00
C ASP D 113 -3.80 -20.45 -18.24
N MET D 114 -3.87 -20.39 -16.92
CA MET D 114 -2.68 -20.14 -16.12
C MET D 114 -1.63 -21.24 -16.29
N ALA D 115 -2.07 -22.50 -16.30
CA ALA D 115 -1.15 -23.62 -16.41
C ALA D 115 -0.46 -23.63 -17.77
N ASP D 116 -1.22 -23.36 -18.83
CA ASP D 116 -0.65 -23.31 -20.17
C ASP D 116 0.37 -22.17 -20.29
N SER D 117 0.05 -21.02 -19.70
CA SER D 117 0.96 -19.89 -19.77
C SER D 117 2.31 -20.21 -19.15
N LEU D 118 2.31 -21.01 -18.08
CA LEU D 118 3.54 -21.46 -17.46
C LEU D 118 4.01 -22.80 -18.00
N GLY D 119 3.37 -23.28 -19.06
CA GLY D 119 3.77 -24.55 -19.64
C GLY D 119 3.66 -25.72 -18.70
N LEU D 120 2.71 -25.68 -17.78
CA LEU D 120 2.55 -26.68 -16.74
C LEU D 120 1.51 -27.71 -17.13
N ARG D 121 1.77 -28.96 -16.80
CA ARG D 121 0.80 -30.03 -16.90
C ARG D 121 0.62 -30.66 -15.52
N LEU D 122 -0.28 -31.62 -15.44
CA LEU D 122 -0.55 -32.32 -14.19
C LEU D 122 0.72 -32.98 -13.63
N ASN D 123 0.97 -32.75 -12.34
CA ASN D 123 2.11 -33.25 -11.56
C ASN D 123 3.40 -32.48 -11.83
N ASP D 124 3.33 -31.37 -12.56
CA ASP D 124 4.51 -30.56 -12.76
C ASP D 124 4.77 -29.67 -11.55
N SER D 125 6.04 -29.29 -11.42
CA SER D 125 6.48 -28.42 -10.35
C SER D 125 6.21 -26.97 -10.71
N VAL D 126 5.83 -26.17 -9.71
CA VAL D 126 5.66 -24.73 -9.87
C VAL D 126 5.92 -24.07 -8.51
N THR D 127 6.55 -22.90 -8.53
CA THR D 127 6.96 -22.23 -7.31
C THR D 127 6.00 -21.08 -7.00
N LEU D 128 5.47 -21.08 -5.78
CA LEU D 128 4.61 -20.02 -5.32
C LEU D 128 5.46 -19.01 -4.57
N VAL D 129 5.34 -17.74 -4.91
CA VAL D 129 6.13 -16.68 -4.28
C VAL D 129 5.20 -15.72 -3.57
N LEU D 130 5.45 -15.50 -2.29
CA LEU D 130 4.66 -14.58 -1.51
C LEU D 130 5.56 -13.44 -1.07
N PRO D 131 5.15 -12.19 -1.28
CA PRO D 131 5.99 -11.06 -0.83
C PRO D 131 5.83 -10.82 0.66
N GLU D 132 6.95 -10.65 1.35
CA GLU D 132 6.96 -10.20 2.73
C GLU D 132 7.55 -8.80 2.80
N ALA D 133 6.88 -7.90 3.51
CA ALA D 133 7.33 -6.51 3.59
C ALA D 133 8.57 -6.40 4.45
N THR D 134 9.59 -5.71 3.92
CA THR D 134 10.88 -5.56 4.58
C THR D 134 11.15 -4.10 4.90
N PRO D 135 11.61 -3.80 6.12
CA PRO D 135 12.03 -2.41 6.41
C PRO D 135 13.27 -1.99 5.64
N SER D 136 14.09 -2.92 5.16
CA SER D 136 15.34 -2.59 4.51
C SER D 136 15.12 -2.06 3.09
N GLY D 139 13.06 -4.14 -0.07
CA GLY D 139 11.73 -3.88 0.41
C GLY D 139 10.83 -5.10 0.48
N VAL D 140 11.19 -6.14 -0.28
CA VAL D 140 10.49 -7.41 -0.24
C VAL D 140 11.51 -8.51 0.03
N VAL D 141 11.28 -9.28 1.08
CA VAL D 141 11.97 -10.56 1.27
C VAL D 141 10.96 -11.62 0.87
N PRO D 142 10.97 -12.06 -0.40
CA PRO D 142 9.96 -13.02 -0.85
C PRO D 142 10.17 -14.39 -0.22
N ARG D 143 9.06 -15.03 0.16
CA ARG D 143 9.07 -16.42 0.60
C ARG D 143 8.52 -17.28 -0.53
N PHE D 144 9.30 -18.27 -0.96
CA PHE D 144 8.94 -19.13 -2.08
C PHE D 144 8.96 -20.59 -1.65
N LYS D 145 8.05 -21.37 -2.24
CA LYS D 145 7.86 -22.76 -1.91
C LYS D 145 7.46 -23.54 -3.17
N ARG D 146 8.04 -24.73 -3.33
CA ARG D 146 7.73 -25.55 -4.48
C ARG D 146 6.40 -26.27 -4.26
N PHE D 147 5.55 -26.26 -5.28
CA PHE D 147 4.24 -26.92 -5.29
C PHE D 147 4.17 -27.89 -6.46
N LYS D 148 3.21 -28.80 -6.37
CA LYS D 148 2.94 -29.78 -7.42
C LYS D 148 1.52 -29.57 -7.96
N VAL D 149 1.38 -29.48 -9.27
CA VAL D 149 0.05 -29.30 -9.87
C VAL D 149 -0.71 -30.61 -9.74
N VAL D 150 -1.79 -30.60 -8.95
CA VAL D 150 -2.58 -31.80 -8.69
C VAL D 150 -3.99 -31.72 -9.27
N GLY D 151 -4.33 -30.61 -9.91
CA GLY D 151 -5.62 -30.44 -10.54
C GLY D 151 -5.64 -29.23 -11.45
N ILE D 152 -6.49 -29.27 -12.48
CA ILE D 152 -6.65 -28.16 -13.41
C ILE D 152 -8.14 -27.99 -13.70
N PHE D 153 -8.63 -26.76 -13.59
CA PHE D 153 -10.04 -26.45 -13.82
C PHE D 153 -10.19 -25.54 -15.02
N SER D 154 -11.43 -25.46 -15.51
CA SER D 154 -11.76 -24.59 -16.63
C SER D 154 -13.13 -24.01 -16.41
N VAL D 155 -13.20 -22.73 -16.03
CA VAL D 155 -14.50 -22.10 -15.75
C VAL D 155 -14.75 -20.94 -16.69
N GLY D 156 -13.97 -19.88 -16.54
CA GLY D 156 -14.12 -18.70 -17.36
C GLY D 156 -12.76 -18.03 -17.52
N ALA D 157 -12.69 -17.14 -18.52
CA ALA D 157 -11.42 -16.57 -18.92
C ALA D 157 -10.72 -15.87 -17.76
N GLU D 158 -11.48 -15.18 -16.90
CA GLU D 158 -10.88 -14.42 -15.81
C GLU D 158 -10.33 -15.34 -14.73
N VAL D 159 -11.15 -16.25 -14.21
CA VAL D 159 -10.73 -17.04 -13.06
C VAL D 159 -9.64 -18.05 -13.47
N ASP D 160 -9.70 -18.54 -14.72
CA ASP D 160 -8.74 -19.51 -15.22
C ASP D 160 -7.32 -18.94 -15.27
N SER D 161 -7.18 -17.62 -15.29
CA SER D 161 -5.88 -16.97 -15.38
C SER D 161 -5.47 -16.24 -14.11
N MET D 162 -6.26 -16.30 -13.05
CA MET D 162 -5.97 -15.49 -11.87
C MET D 162 -6.02 -16.23 -10.55
N VAL D 163 -6.65 -17.39 -10.45
CA VAL D 163 -6.99 -17.97 -9.16
C VAL D 163 -6.46 -19.39 -9.07
N GLY D 164 -6.01 -19.76 -7.86
CA GLY D 164 -5.56 -21.12 -7.60
C GLY D 164 -5.98 -21.57 -6.20
N TYR D 165 -5.92 -22.88 -5.98
CA TYR D 165 -6.34 -23.48 -4.72
C TYR D 165 -5.26 -24.40 -4.18
N ILE D 166 -5.02 -24.31 -2.86
CA ILE D 166 -4.07 -25.18 -2.18
C ILE D 166 -4.75 -25.70 -0.91
N ALA D 167 -4.06 -26.64 -0.25
CA ALA D 167 -4.58 -27.17 1.01
C ALA D 167 -4.65 -26.07 2.06
N LEU D 168 -5.77 -26.06 2.80
CA LEU D 168 -6.00 -25.05 3.82
C LEU D 168 -4.79 -24.91 4.74
N TYR D 169 -4.28 -26.04 5.25
CA TYR D 169 -3.17 -25.99 6.18
C TYR D 169 -1.81 -25.80 5.50
N ASP D 170 -1.72 -25.98 4.18
CA ASP D 170 -0.53 -25.51 3.48
C ASP D 170 -0.51 -23.99 3.39
N ALA D 171 -1.69 -23.37 3.25
CA ALA D 171 -1.75 -21.91 3.24
C ALA D 171 -1.26 -21.33 4.56
N SER D 172 -1.77 -21.84 5.69
CA SER D 172 -1.33 -21.33 6.98
C SER D 172 0.13 -21.67 7.25
N THR D 173 0.61 -22.82 6.77
CA THR D 173 2.02 -23.14 6.94
C THR D 173 2.92 -22.19 6.15
N LEU D 174 2.50 -21.80 4.94
CA LEU D 174 3.27 -20.79 4.22
C LEU D 174 3.33 -19.48 5.01
N LEU D 175 2.28 -19.16 5.77
CA LEU D 175 2.24 -17.95 6.58
C LEU D 175 2.95 -18.14 7.91
N ARG D 176 3.62 -19.28 8.11
CA ARG D 176 4.31 -19.62 9.35
C ARG D 176 3.37 -19.57 10.55
N LEU D 177 2.15 -20.05 10.36
CA LEU D 177 1.10 -20.04 11.38
C LEU D 177 0.69 -21.45 11.76
N PRO D 178 0.01 -21.62 12.89
CA PRO D 178 -0.58 -22.92 13.19
C PRO D 178 -1.73 -23.24 12.22
N ASP D 179 -2.09 -24.52 12.18
CA ASP D 179 -3.18 -24.98 11.33
C ASP D 179 -4.46 -24.20 11.65
N GLY D 180 -5.01 -23.53 10.64
CA GLY D 180 -6.26 -22.82 10.84
C GLY D 180 -6.73 -22.15 9.57
N ALA D 181 -7.77 -21.34 9.70
CA ALA D 181 -8.40 -20.69 8.57
C ALA D 181 -8.54 -19.20 8.84
N GLN D 182 -8.50 -18.39 7.78
CA GLN D 182 -8.71 -16.95 7.91
C GLN D 182 -10.17 -16.63 8.17
N GLY D 183 -11.08 -17.43 7.62
CA GLY D 183 -12.50 -17.20 7.78
C GLY D 183 -13.29 -18.29 7.07
N VAL D 184 -14.60 -18.08 7.00
CA VAL D 184 -15.47 -19.03 6.31
C VAL D 184 -16.27 -18.29 5.24
N ARG D 185 -16.46 -18.95 4.11
CA ARG D 185 -17.24 -18.44 3.00
C ARG D 185 -18.65 -18.99 3.09
N LEU D 186 -19.65 -18.12 2.88
CA LEU D 186 -21.04 -18.52 2.93
C LEU D 186 -21.64 -18.52 1.54
N LYS D 187 -22.45 -19.54 1.28
CA LYS D 187 -23.34 -19.57 0.13
C LYS D 187 -24.77 -19.50 0.63
N LEU D 188 -25.59 -18.71 -0.05
CA LEU D 188 -26.94 -18.39 0.37
C LEU D 188 -27.95 -18.79 -0.69
N ASP D 189 -29.21 -18.87 -0.24
CA ASP D 189 -30.31 -19.14 -1.15
C ASP D 189 -30.63 -17.92 -2.02
N ASP D 190 -30.29 -16.73 -1.53
CA ASP D 190 -30.55 -15.46 -2.22
C ASP D 190 -29.36 -14.54 -1.99
N ILE D 191 -28.58 -14.28 -3.04
CA ILE D 191 -27.38 -13.47 -2.91
C ILE D 191 -27.68 -12.05 -2.43
N PHE D 192 -28.88 -11.55 -2.69
CA PHE D 192 -29.22 -10.20 -2.23
C PHE D 192 -29.47 -10.16 -0.72
N ALA D 193 -29.53 -11.32 -0.08
CA ALA D 193 -29.57 -11.43 1.37
C ALA D 193 -28.17 -11.44 1.98
N ALA D 194 -27.11 -11.36 1.16
CA ALA D 194 -25.76 -11.47 1.68
C ALA D 194 -25.39 -10.42 2.70
N PRO D 195 -25.63 -9.12 2.48
CA PRO D 195 -25.26 -8.14 3.53
C PRO D 195 -25.88 -8.43 4.88
N GLN D 196 -27.20 -8.68 4.92
CA GLN D 196 -27.87 -8.83 6.20
C GLN D 196 -27.38 -10.04 6.96
N VAL D 197 -27.23 -11.18 6.26
CA VAL D 197 -26.86 -12.43 6.92
C VAL D 197 -25.46 -12.35 7.51
N ALA D 198 -24.50 -11.83 6.73
CA ALA D 198 -23.14 -11.74 7.23
C ALA D 198 -23.03 -10.74 8.38
N ASP D 199 -23.72 -9.60 8.27
CA ASP D 199 -23.73 -8.64 9.37
C ASP D 199 -24.40 -9.22 10.62
N ASP D 200 -25.49 -9.97 10.43
CA ASP D 200 -26.18 -10.55 11.59
C ASP D 200 -25.27 -11.54 12.32
N ILE D 201 -24.54 -12.36 11.57
CA ILE D 201 -23.65 -13.34 12.19
C ILE D 201 -22.53 -12.63 12.97
N VAL D 202 -21.92 -11.62 12.35
CA VAL D 202 -20.77 -10.96 12.96
C VAL D 202 -21.14 -10.11 14.17
N LYS D 203 -22.40 -9.68 14.27
CA LYS D 203 -22.82 -8.81 15.37
C LYS D 203 -22.57 -9.45 16.74
N ASN D 204 -22.75 -10.76 16.86
CA ASN D 204 -22.58 -11.43 18.15
C ASN D 204 -21.25 -12.17 18.27
N LEU D 205 -20.26 -11.83 17.46
CA LEU D 205 -18.92 -12.39 17.56
C LEU D 205 -17.97 -11.35 18.14
N PRO D 206 -16.85 -11.77 18.73
CA PRO D 206 -15.88 -10.82 19.28
C PRO D 206 -15.22 -9.98 18.17
N SER D 207 -14.46 -8.99 18.63
CA SER D 207 -13.97 -7.92 17.76
C SER D 207 -12.99 -8.38 16.68
N ASN D 208 -12.41 -9.58 16.79
CA ASN D 208 -11.50 -10.06 15.74
C ASN D 208 -12.25 -10.47 14.48
N PHE D 209 -13.56 -10.64 14.54
CA PHE D 209 -14.36 -11.03 13.40
C PHE D 209 -14.87 -9.81 12.64
N TYR D 210 -15.02 -9.98 11.33
CA TYR D 210 -15.63 -8.96 10.49
C TYR D 210 -16.36 -9.64 9.33
N ALA D 211 -17.34 -8.93 8.78
CA ALA D 211 -18.11 -9.43 7.64
C ALA D 211 -17.67 -8.76 6.35
N THR D 212 -17.68 -9.53 5.26
CA THR D 212 -17.61 -9.02 3.90
C THR D 212 -18.74 -9.63 3.11
N ASN D 213 -19.14 -8.96 2.03
CA ASN D 213 -20.09 -9.54 1.10
C ASN D 213 -19.82 -9.01 -0.31
N TRP D 214 -20.47 -9.65 -1.27
CA TRP D 214 -20.14 -9.43 -2.68
C TRP D 214 -20.53 -8.04 -3.16
N THR D 215 -21.42 -7.33 -2.45
CA THR D 215 -21.83 -6.01 -2.91
C THR D 215 -20.79 -4.93 -2.63
N TYR D 216 -19.86 -5.18 -1.71
CA TYR D 216 -18.73 -4.28 -1.47
C TYR D 216 -17.57 -4.75 -2.34
N THR D 217 -17.18 -3.94 -3.32
CA THR D 217 -16.13 -4.31 -4.24
C THR D 217 -14.86 -3.49 -4.03
#